data_6OYY
#
_entry.id   6OYY
#
_cell.length_a   162.282
_cell.length_b   162.282
_cell.length_c   62.826
_cell.angle_alpha   90.00
_cell.angle_beta   90.00
_cell.angle_gamma   90.00
#
_symmetry.space_group_name_H-M   'P 41 21 2'
#
loop_
_entity.id
_entity.type
_entity.pdbx_description
1 polymer 'Aspartate 1-decarboxylase beta chain'
2 polymer 'Aspartate 1-decarboxylase alpha chain'
3 non-polymer 'PYRAZINE-2-CARBOXYLIC ACID'
4 water water
#
loop_
_entity_poly.entity_id
_entity_poly.type
_entity_poly.pdbx_seq_one_letter_code
_entity_poly.pdbx_strand_id
1 'polypeptide(L)' MLRTMLKSKIHRATVTCADLHYVG A,C,I,E,K,G
2 'polypeptide(L)'
;(PYR)VTIDADLMDAADLLEGEQVTIVDIDNGARLVTYAITGERGSGVIGINGAAAHLVHPGDLVILIAYATMDDARART
YQPRIVFVDAYNKPIDMGHDPAFVPENAGELLDPRLGVGLEHHHHHH
;
B,D,J,F,L,H
#
# COMPACT_ATOMS: atom_id res chain seq x y z
N MET A 1 2.69 -33.14 -4.85
CA MET A 1 4.13 -33.02 -5.29
C MET A 1 4.29 -31.78 -6.14
N LEU A 2 5.16 -30.86 -5.70
CA LEU A 2 5.44 -29.58 -6.39
C LEU A 2 6.74 -29.69 -7.18
N ARG A 3 6.71 -29.27 -8.44
CA ARG A 3 7.88 -29.20 -9.29
C ARG A 3 8.28 -27.73 -9.41
N THR A 4 9.55 -27.49 -9.70
CA THR A 4 10.05 -26.15 -9.99
C THR A 4 10.08 -26.07 -11.49
N MET A 5 9.37 -25.11 -12.05
CA MET A 5 9.28 -25.01 -13.53
C MET A 5 9.73 -23.63 -13.98
N LEU A 6 10.34 -23.54 -15.15
CA LEU A 6 10.56 -22.25 -15.84
C LEU A 6 9.21 -21.55 -16.00
N LYS A 7 9.13 -20.29 -15.58
CA LYS A 7 7.95 -19.43 -15.88
C LYS A 7 8.38 -18.23 -16.69
N SER A 8 9.57 -17.65 -16.42
CA SER A 8 10.03 -16.41 -17.08
C SER A 8 11.45 -16.59 -17.63
N LYS A 9 11.68 -16.05 -18.82
CA LYS A 9 13.03 -15.98 -19.41
C LYS A 9 13.11 -14.71 -20.27
N ILE A 10 14.07 -13.85 -19.96
CA ILE A 10 14.53 -12.77 -20.89
C ILE A 10 15.85 -13.23 -21.46
N HIS A 11 15.81 -13.46 -22.76
CA HIS A 11 16.90 -14.10 -23.50
C HIS A 11 17.85 -13.10 -24.19
N ARG A 12 19.09 -13.16 -23.74
CA ARG A 12 20.24 -12.46 -24.34
C ARG A 12 19.98 -10.95 -24.27
N ALA A 13 19.73 -10.48 -23.05
CA ALA A 13 19.69 -9.05 -22.72
C ALA A 13 21.13 -8.58 -22.52
N THR A 14 21.33 -7.29 -22.70
CA THR A 14 22.64 -6.65 -22.50
C THR A 14 22.58 -5.93 -21.16
N VAL A 15 23.52 -6.21 -20.29
CA VAL A 15 23.68 -5.43 -19.04
C VAL A 15 24.09 -4.00 -19.42
N THR A 16 23.33 -3.00 -18.97
CA THR A 16 23.52 -1.59 -19.36
C THR A 16 24.30 -0.84 -18.27
N CYS A 17 24.16 -1.22 -17.01
CA CYS A 17 24.87 -0.55 -15.90
C CYS A 17 24.98 -1.50 -14.73
N ALA A 18 25.81 -1.12 -13.77
CA ALA A 18 26.08 -1.85 -12.53
C ALA A 18 26.52 -0.83 -11.48
N ASP A 19 26.14 -1.07 -10.24
CA ASP A 19 26.53 -0.22 -9.09
C ASP A 19 26.83 -1.18 -7.95
N LEU A 20 28.08 -1.24 -7.54
CA LEU A 20 28.51 -2.07 -6.38
C LEU A 20 27.89 -1.50 -5.13
N HIS A 21 27.76 -0.18 -5.08
CA HIS A 21 27.37 0.53 -3.85
C HIS A 21 25.93 1.07 -3.95
N TYR A 22 25.06 0.40 -4.71
CA TYR A 22 23.60 0.65 -4.75
C TYR A 22 23.04 0.68 -3.33
N VAL A 23 22.05 1.56 -3.10
CA VAL A 23 21.17 1.61 -1.89
C VAL A 23 19.71 1.52 -2.34
N GLY A 24 19.00 0.46 -1.96
CA GLY A 24 17.57 0.21 -2.28
C GLY A 24 17.13 -1.23 -2.06
N VAL B 2 18.78 -6.79 -9.39
CA VAL B 2 18.80 -6.53 -10.88
C VAL B 2 17.63 -5.63 -11.25
N THR B 3 17.96 -4.49 -11.81
CA THR B 3 16.99 -3.50 -12.26
C THR B 3 16.62 -3.87 -13.69
N ILE B 4 15.35 -4.10 -13.93
CA ILE B 4 14.84 -4.51 -15.27
C ILE B 4 13.81 -3.53 -15.74
N ASP B 5 13.89 -3.15 -16.99
CA ASP B 5 12.93 -2.32 -17.69
C ASP B 5 11.55 -2.87 -17.44
N ALA B 6 10.65 -2.01 -16.95
CA ALA B 6 9.27 -2.43 -16.60
C ALA B 6 8.62 -3.18 -17.77
N ASP B 7 8.98 -2.82 -19.01
CA ASP B 7 8.40 -3.44 -20.22
C ASP B 7 8.82 -4.90 -20.27
N LEU B 8 10.08 -5.20 -19.94
CA LEU B 8 10.61 -6.58 -19.96
C LEU B 8 9.99 -7.38 -18.81
N MET B 9 9.79 -6.73 -17.68
CA MET B 9 9.15 -7.39 -16.51
C MET B 9 7.71 -7.78 -16.85
N ASP B 10 6.94 -6.88 -17.47
CA ASP B 10 5.56 -7.17 -17.92
C ASP B 10 5.63 -8.29 -18.96
N ALA B 11 6.50 -8.14 -19.96
CA ALA B 11 6.63 -9.15 -21.04
C ALA B 11 6.97 -10.53 -20.47
N ALA B 12 7.81 -10.57 -19.43
CA ALA B 12 8.34 -11.84 -18.85
C ALA B 12 7.48 -12.28 -17.66
N ASP B 13 6.50 -11.46 -17.24
CA ASP B 13 5.61 -11.75 -16.09
C ASP B 13 6.46 -11.82 -14.83
N LEU B 14 7.25 -10.78 -14.55
CA LEU B 14 8.07 -10.65 -13.32
C LEU B 14 7.46 -9.52 -12.48
N LEU B 15 7.40 -9.74 -11.19
CA LEU B 15 6.99 -8.71 -10.20
C LEU B 15 8.24 -8.12 -9.57
N GLU B 16 8.13 -6.88 -9.10
CA GLU B 16 9.15 -6.30 -8.21
C GLU B 16 9.33 -7.24 -7.02
N GLY B 17 10.55 -7.67 -6.76
CA GLY B 17 10.89 -8.54 -5.63
C GLY B 17 10.86 -10.00 -6.00
N GLU B 18 10.48 -10.35 -7.23
CA GLU B 18 10.43 -11.77 -7.64
C GLU B 18 11.85 -12.30 -7.84
N GLN B 19 12.11 -13.51 -7.36
CA GLN B 19 13.46 -14.08 -7.44
C GLN B 19 13.80 -14.33 -8.90
N VAL B 20 15.03 -13.97 -9.24
CA VAL B 20 15.53 -14.07 -10.63
C VAL B 20 16.90 -14.68 -10.59
N THR B 21 17.15 -15.57 -11.54
CA THR B 21 18.47 -16.15 -11.76
C THR B 21 19.08 -15.40 -12.92
N ILE B 22 20.28 -14.89 -12.75
CA ILE B 22 21.04 -14.28 -13.88
C ILE B 22 22.14 -15.25 -14.30
N VAL B 23 22.21 -15.54 -15.59
CA VAL B 23 23.31 -16.35 -16.14
C VAL B 23 24.02 -15.49 -17.19
N ASP B 24 25.35 -15.45 -17.14
CA ASP B 24 26.19 -14.53 -17.96
C ASP B 24 26.80 -15.33 -19.11
N ILE B 25 26.44 -14.97 -20.33
CA ILE B 25 26.93 -15.70 -21.54
C ILE B 25 28.41 -15.40 -21.74
N ASP B 26 28.84 -14.22 -21.31
CA ASP B 26 30.20 -13.76 -21.56
C ASP B 26 31.20 -14.44 -20.61
N ASN B 27 30.88 -14.55 -19.32
CA ASN B 27 31.87 -15.02 -18.33
C ASN B 27 31.40 -16.29 -17.62
N GLY B 28 30.18 -16.77 -17.87
CA GLY B 28 29.68 -18.04 -17.30
C GLY B 28 29.23 -17.91 -15.84
N ALA B 29 29.21 -16.71 -15.27
CA ALA B 29 28.62 -16.43 -13.94
C ALA B 29 27.16 -16.86 -13.92
N ARG B 30 26.74 -17.33 -12.77
CA ARG B 30 25.36 -17.73 -12.50
C ARG B 30 25.05 -17.28 -11.09
N LEU B 31 24.02 -16.47 -10.87
CA LEU B 31 23.66 -16.05 -9.51
C LEU B 31 22.17 -15.87 -9.38
N VAL B 32 21.75 -15.79 -8.13
CA VAL B 32 20.34 -15.63 -7.79
C VAL B 32 20.17 -14.27 -7.15
N THR B 33 19.21 -13.54 -7.67
CA THR B 33 18.86 -12.22 -7.14
C THR B 33 17.38 -11.98 -7.38
N TYR B 34 16.93 -10.78 -7.07
CA TYR B 34 15.51 -10.44 -7.28
C TYR B 34 15.39 -9.29 -8.26
N ALA B 35 14.20 -9.09 -8.82
CA ALA B 35 13.90 -8.06 -9.83
C ALA B 35 13.52 -6.77 -9.13
N ILE B 36 14.10 -5.67 -9.58
CA ILE B 36 13.69 -4.27 -9.28
C ILE B 36 13.19 -3.64 -10.57
N THR B 37 12.06 -2.92 -10.50
CA THR B 37 11.43 -2.29 -11.68
C THR B 37 12.30 -1.11 -12.12
N GLY B 38 12.73 -1.13 -13.39
CA GLY B 38 13.52 -0.05 -13.99
C GLY B 38 12.65 0.84 -14.87
N GLU B 39 13.13 2.05 -15.16
CA GLU B 39 12.42 3.06 -15.98
C GLU B 39 11.89 2.37 -17.23
N ARG B 40 10.59 2.49 -17.48
CA ARG B 40 9.90 1.77 -18.59
C ARG B 40 10.45 2.25 -19.94
N GLY B 41 10.74 1.31 -20.84
CA GLY B 41 11.24 1.58 -22.20
C GLY B 41 12.68 2.09 -22.23
N SER B 42 13.38 2.15 -21.11
CA SER B 42 14.82 2.60 -21.05
C SER B 42 15.77 1.49 -21.52
N GLY B 43 15.32 0.24 -21.53
CA GLY B 43 16.16 -0.92 -21.86
C GLY B 43 17.19 -1.20 -20.80
N VAL B 44 16.95 -0.71 -19.59
CA VAL B 44 17.87 -0.91 -18.46
C VAL B 44 17.92 -2.38 -18.03
N ILE B 45 19.13 -2.87 -17.86
CA ILE B 45 19.43 -4.14 -17.15
C ILE B 45 20.57 -3.79 -16.21
N GLY B 46 20.23 -3.42 -14.99
CA GLY B 46 21.19 -2.89 -14.03
C GLY B 46 21.58 -3.86 -12.96
N ILE B 47 22.86 -4.15 -12.77
CA ILE B 47 23.31 -5.10 -11.74
C ILE B 47 23.68 -4.29 -10.52
N ASN B 48 23.02 -4.53 -9.40
CA ASN B 48 23.16 -3.74 -8.16
C ASN B 48 23.79 -4.61 -7.07
N GLY B 49 24.67 -4.01 -6.28
CA GLY B 49 25.28 -4.66 -5.11
C GLY B 49 26.31 -5.70 -5.51
N ALA B 50 26.42 -6.75 -4.70
CA ALA B 50 27.53 -7.74 -4.73
C ALA B 50 27.59 -8.40 -6.11
N ALA B 51 26.43 -8.53 -6.76
CA ALA B 51 26.34 -9.20 -8.07
C ALA B 51 27.21 -8.51 -9.13
N ALA B 52 27.49 -7.21 -8.96
CA ALA B 52 28.26 -6.41 -9.92
C ALA B 52 29.67 -6.94 -10.05
N HIS B 53 30.15 -7.73 -9.10
CA HIS B 53 31.46 -8.36 -9.18
C HIS B 53 31.44 -9.41 -10.29
N LEU B 54 30.28 -10.01 -10.53
CA LEU B 54 30.21 -11.24 -11.38
C LEU B 54 29.65 -10.92 -12.74
N VAL B 55 28.69 -10.00 -12.80
CA VAL B 55 27.93 -9.69 -14.04
C VAL B 55 28.14 -8.23 -14.36
N HIS B 56 28.63 -7.95 -15.56
CA HIS B 56 29.18 -6.62 -15.90
C HIS B 56 28.44 -5.94 -17.04
N PRO B 57 28.37 -4.60 -17.03
CA PRO B 57 27.80 -3.89 -18.16
C PRO B 57 28.46 -4.31 -19.48
N GLY B 58 27.62 -4.51 -20.49
CA GLY B 58 28.08 -5.00 -21.80
C GLY B 58 27.89 -6.49 -21.93
N ASP B 59 27.83 -7.23 -20.83
CA ASP B 59 27.65 -8.69 -20.86
C ASP B 59 26.26 -9.02 -21.41
N LEU B 60 26.18 -10.08 -22.21
CA LEU B 60 24.92 -10.75 -22.60
C LEU B 60 24.52 -11.66 -21.44
N VAL B 61 23.29 -11.50 -20.99
CA VAL B 61 22.75 -12.31 -19.85
C VAL B 61 21.42 -12.94 -20.26
N ILE B 62 21.07 -14.01 -19.57
CA ILE B 62 19.71 -14.59 -19.57
C ILE B 62 19.17 -14.41 -18.15
N LEU B 63 17.97 -13.86 -18.04
CA LEU B 63 17.25 -13.70 -16.76
C LEU B 63 16.14 -14.73 -16.70
N ILE B 64 16.07 -15.49 -15.61
CA ILE B 64 15.19 -16.68 -15.50
C ILE B 64 14.41 -16.56 -14.19
N ALA B 65 13.10 -16.81 -14.25
CA ALA B 65 12.30 -17.02 -13.04
C ALA B 65 11.68 -18.41 -13.08
N TYR B 66 11.60 -19.01 -11.90
CA TYR B 66 11.02 -20.34 -11.67
C TYR B 66 9.76 -20.17 -10.83
N ALA B 67 8.87 -21.14 -10.91
CA ALA B 67 7.70 -21.21 -10.02
C ALA B 67 7.56 -22.62 -9.50
N THR B 68 7.02 -22.72 -8.30
CA THR B 68 6.60 -23.97 -7.69
C THR B 68 5.14 -24.15 -8.06
N MET B 69 4.82 -25.30 -8.61
CA MET B 69 3.43 -25.56 -9.05
C MET B 69 3.14 -27.05 -8.95
N ASP B 70 1.87 -27.36 -8.71
CA ASP B 70 1.39 -28.75 -8.51
C ASP B 70 1.65 -29.52 -9.80
N ASP B 71 1.87 -30.82 -9.65
CA ASP B 71 2.24 -31.68 -10.80
C ASP B 71 1.32 -31.41 -12.00
N ALA B 72 0.02 -31.36 -11.80
CA ALA B 72 -0.98 -31.21 -12.88
C ALA B 72 -0.68 -29.97 -13.72
N ARG B 73 -0.53 -28.81 -13.05
CA ARG B 73 -0.30 -27.50 -13.73
C ARG B 73 1.08 -27.50 -14.39
N ALA B 74 2.07 -28.14 -13.76
CA ALA B 74 3.47 -28.16 -14.26
C ALA B 74 3.52 -28.76 -15.66
N ARG B 75 2.65 -29.74 -15.96
CA ARG B 75 2.66 -30.51 -17.22
C ARG B 75 2.07 -29.69 -18.35
N THR B 76 1.31 -28.64 -18.02
CA THR B 76 0.52 -27.85 -19.00
C THR B 76 1.04 -26.41 -19.09
N TYR B 77 1.72 -25.93 -18.05
CA TYR B 77 2.17 -24.53 -17.94
C TYR B 77 3.07 -24.14 -19.14
N GLN B 78 2.79 -22.96 -19.71
CA GLN B 78 3.57 -22.32 -20.80
C GLN B 78 4.34 -21.14 -20.21
N PRO B 79 5.68 -21.19 -20.21
CA PRO B 79 6.48 -20.08 -19.69
C PRO B 79 6.41 -18.85 -20.62
N ARG B 80 6.61 -17.66 -20.05
CA ARG B 80 6.76 -16.41 -20.81
C ARG B 80 8.23 -16.26 -21.21
N ILE B 81 8.50 -16.34 -22.50
CA ILE B 81 9.87 -16.23 -23.06
C ILE B 81 9.95 -14.90 -23.82
N VAL B 82 10.86 -14.01 -23.43
CA VAL B 82 11.04 -12.69 -24.07
C VAL B 82 12.38 -12.69 -24.79
N PHE B 83 12.35 -12.57 -26.12
CA PHE B 83 13.54 -12.24 -26.95
C PHE B 83 13.68 -10.73 -27.01
N VAL B 84 14.93 -10.23 -27.01
CA VAL B 84 15.20 -8.77 -27.03
C VAL B 84 16.26 -8.45 -28.07
N ASP B 85 16.22 -7.22 -28.60
CA ASP B 85 17.24 -6.73 -29.56
C ASP B 85 18.46 -6.27 -28.76
N ALA B 86 19.49 -5.75 -29.44
CA ALA B 86 20.72 -5.27 -28.79
C ALA B 86 20.43 -4.12 -27.83
N TYR B 87 19.25 -3.49 -27.90
CA TYR B 87 18.86 -2.33 -27.05
C TYR B 87 17.86 -2.76 -25.97
N ASN B 88 17.69 -4.07 -25.77
CA ASN B 88 16.85 -4.64 -24.68
C ASN B 88 15.38 -4.29 -24.89
N LYS B 89 14.94 -4.25 -26.15
CA LYS B 89 13.51 -4.03 -26.48
C LYS B 89 12.94 -5.37 -26.93
N PRO B 90 11.74 -5.75 -26.44
CA PRO B 90 11.13 -7.04 -26.80
C PRO B 90 10.90 -7.23 -28.30
N ILE B 91 10.89 -8.47 -28.77
CA ILE B 91 10.54 -8.91 -30.15
C ILE B 91 9.48 -10.01 -30.03
N MET C 1 -0.23 -21.28 -9.08
CA MET C 1 1.19 -20.92 -9.36
C MET C 1 1.75 -20.08 -8.21
N LEU C 2 2.79 -20.59 -7.55
CA LEU C 2 3.53 -19.90 -6.47
C LEU C 2 4.80 -19.26 -7.04
N ARG C 3 5.04 -18.00 -6.71
CA ARG C 3 6.27 -17.26 -7.06
C ARG C 3 7.19 -17.20 -5.86
N THR C 4 8.48 -17.11 -6.12
CA THR C 4 9.48 -16.94 -5.07
C THR C 4 9.75 -15.44 -5.01
N MET C 5 9.52 -14.86 -3.84
CA MET C 5 9.57 -13.38 -3.72
C MET C 5 10.55 -12.99 -2.61
N LEU C 6 11.20 -11.83 -2.77
CA LEU C 6 11.93 -11.21 -1.67
C LEU C 6 10.96 -10.95 -0.52
N LYS C 7 11.31 -11.37 0.70
CA LYS C 7 10.52 -11.03 1.91
C LYS C 7 11.38 -10.24 2.89
N SER C 8 12.67 -10.55 3.01
CA SER C 8 13.60 -9.92 3.96
C SER C 8 14.86 -9.46 3.23
N LYS C 9 15.37 -8.31 3.61
CA LYS C 9 16.67 -7.77 3.15
C LYS C 9 17.25 -6.91 4.25
N ILE C 10 18.45 -7.25 4.70
CA ILE C 10 19.29 -6.33 5.52
C ILE C 10 20.38 -5.81 4.60
N HIS C 11 20.31 -4.52 4.35
CA HIS C 11 21.14 -3.85 3.32
C HIS C 11 22.42 -3.22 3.88
N ARG C 12 23.54 -3.74 3.38
CA ARG C 12 24.91 -3.21 3.61
C ARG C 12 25.20 -3.22 5.09
N ALA C 13 25.08 -4.38 5.71
CA ALA C 13 25.50 -4.62 7.11
C ALA C 13 26.96 -4.94 7.09
N THR C 14 27.62 -4.74 8.23
CA THR C 14 29.05 -4.95 8.35
C THR C 14 29.23 -6.22 9.13
N VAL C 15 30.01 -7.13 8.59
CA VAL C 15 30.36 -8.37 9.32
C VAL C 15 31.22 -8.00 10.53
N THR C 16 30.80 -8.41 11.73
CA THR C 16 31.47 -8.03 13.00
C THR C 16 32.47 -9.10 13.44
N CYS C 17 32.21 -10.37 13.17
CA CYS C 17 33.14 -11.46 13.54
C CYS C 17 32.90 -12.67 12.63
N ALA C 18 33.84 -13.59 12.66
CA ALA C 18 33.78 -14.87 11.92
C ALA C 18 34.51 -15.94 12.71
N ASP C 19 33.93 -17.14 12.76
CA ASP C 19 34.51 -18.27 13.51
C ASP C 19 34.33 -19.50 12.61
N LEU C 20 35.44 -20.04 12.12
CA LEU C 20 35.43 -21.26 11.28
C LEU C 20 34.92 -22.41 12.13
N HIS C 21 35.34 -22.39 13.39
CA HIS C 21 35.16 -23.55 14.26
C HIS C 21 34.03 -23.32 15.28
N TYR C 22 33.03 -22.49 14.96
CA TYR C 22 31.77 -22.34 15.74
C TYR C 22 31.17 -23.73 16.04
N VAL C 23 30.59 -23.89 17.24
CA VAL C 23 29.75 -25.06 17.66
C VAL C 23 28.38 -24.54 18.14
N GLY C 24 27.29 -24.88 17.44
CA GLY C 24 25.91 -24.46 17.78
C GLY C 24 24.91 -24.67 16.66
N VAL D 2 24.74 -17.79 10.26
CA VAL D 2 24.94 -16.30 10.42
C VAL D 2 24.18 -15.82 11.65
N THR D 3 24.91 -15.22 12.58
CA THR D 3 24.34 -14.66 13.82
C THR D 3 23.94 -13.23 13.51
N ILE D 4 22.68 -12.90 13.71
CA ILE D 4 22.11 -11.55 13.41
C ILE D 4 21.49 -10.98 14.65
N ASP D 5 21.76 -9.72 14.93
CA ASP D 5 21.18 -8.95 16.02
C ASP D 5 19.68 -9.11 15.93
N ALA D 6 19.04 -9.51 17.03
CA ALA D 6 17.59 -9.78 17.10
C ALA D 6 16.80 -8.60 16.53
N ASP D 7 17.31 -7.38 16.70
CA ASP D 7 16.61 -6.15 16.22
C ASP D 7 16.50 -6.17 14.70
N LEU D 8 17.58 -6.60 14.04
CA LEU D 8 17.63 -6.64 12.55
C LEU D 8 16.74 -7.79 12.08
N MET D 9 16.71 -8.90 12.82
CA MET D 9 15.84 -10.06 12.47
C MET D 9 14.37 -9.64 12.55
N ASP D 10 13.97 -8.95 13.63
CA ASP D 10 12.58 -8.43 13.78
C ASP D 10 12.32 -7.43 12.65
N ALA D 11 13.23 -6.50 12.43
CA ALA D 11 13.08 -5.45 11.39
C ALA D 11 12.90 -6.10 10.01
N ALA D 12 13.63 -7.19 9.75
CA ALA D 12 13.68 -7.86 8.43
C ALA D 12 12.66 -9.01 8.37
N ASP D 13 12.00 -9.33 9.49
CA ASP D 13 11.01 -10.43 9.60
C ASP D 13 11.71 -11.74 9.31
N LEU D 14 12.79 -12.03 10.04
CA LEU D 14 13.56 -13.29 9.94
C LEU D 14 13.37 -14.07 11.23
N LEU D 15 13.19 -15.38 11.10
CA LEU D 15 13.10 -16.30 12.26
C LEU D 15 14.44 -16.97 12.47
N GLU D 16 14.74 -17.35 13.71
CA GLU D 16 15.86 -18.27 13.99
C GLU D 16 15.64 -19.52 13.15
N GLY D 17 16.65 -19.90 12.37
CA GLY D 17 16.61 -21.11 11.52
C GLY D 17 16.10 -20.82 10.14
N GLU D 18 15.68 -19.61 9.84
CA GLU D 18 15.15 -19.28 8.49
C GLU D 18 16.32 -19.19 7.51
N GLN D 19 16.13 -19.76 6.32
CA GLN D 19 17.20 -19.78 5.31
C GLN D 19 17.51 -18.36 4.88
N VAL D 20 18.79 -18.05 4.75
CA VAL D 20 19.24 -16.68 4.43
C VAL D 20 20.36 -16.79 3.40
N THR D 21 20.31 -15.88 2.42
CA THR D 21 21.35 -15.75 1.43
C THR D 21 22.24 -14.61 1.87
N ILE D 22 23.53 -14.82 1.96
CA ILE D 22 24.50 -13.71 2.21
C ILE D 22 25.23 -13.40 0.93
N VAL D 23 25.24 -12.14 0.53
CA VAL D 23 26.06 -11.69 -0.62
C VAL D 23 27.07 -10.66 -0.11
N ASP D 24 28.33 -10.78 -0.53
CA ASP D 24 29.46 -9.99 -0.01
C ASP D 24 29.80 -8.91 -1.02
N ILE D 25 29.63 -7.65 -0.64
CA ILE D 25 29.85 -6.49 -1.55
C ILE D 25 31.36 -6.34 -1.80
N ASP D 26 32.17 -6.75 -0.85
CA ASP D 26 33.63 -6.56 -0.93
C ASP D 26 34.25 -7.59 -1.88
N ASN D 27 33.88 -8.85 -1.79
CA ASN D 27 34.60 -9.93 -2.53
C ASN D 27 33.66 -10.66 -3.50
N GLY D 28 32.36 -10.36 -3.52
CA GLY D 28 31.42 -10.94 -4.49
C GLY D 28 30.97 -12.36 -4.13
N ALA D 29 31.37 -12.89 -2.98
CA ALA D 29 30.87 -14.19 -2.46
C ALA D 29 29.35 -14.16 -2.33
N ARG D 30 28.76 -15.32 -2.58
CA ARG D 30 27.31 -15.52 -2.45
C ARG D 30 27.09 -16.89 -1.85
N LEU D 31 26.43 -16.97 -0.70
CA LEU D 31 26.17 -18.30 -0.09
C LEU D 31 24.81 -18.33 0.57
N VAL D 32 24.38 -19.52 0.85
CA VAL D 32 23.08 -19.76 1.50
C VAL D 32 23.37 -20.30 2.87
N THR D 33 22.75 -19.71 3.86
CA THR D 33 22.87 -20.18 5.25
C THR D 33 21.57 -19.89 5.98
N TYR D 34 21.59 -20.12 7.28
CA TYR D 34 20.41 -19.84 8.10
C TYR D 34 20.72 -18.82 9.17
N ALA D 35 19.67 -18.16 9.66
CA ALA D 35 19.78 -17.09 10.66
C ALA D 35 19.85 -17.69 12.07
N ILE D 36 20.80 -17.24 12.87
CA ILE D 36 20.84 -17.44 14.35
C ILE D 36 20.63 -16.09 15.04
N THR D 37 19.79 -16.06 16.07
CA THR D 37 19.46 -14.82 16.80
C THR D 37 20.69 -14.38 17.62
N GLY D 38 21.15 -13.17 17.40
CA GLY D 38 22.28 -12.55 18.12
C GLY D 38 21.79 -11.57 19.17
N GLU D 39 22.65 -11.26 20.14
CA GLU D 39 22.34 -10.37 21.28
C GLU D 39 21.67 -9.09 20.73
N ARG D 40 20.48 -8.76 21.24
CA ARG D 40 19.65 -7.65 20.73
C ARG D 40 20.38 -6.32 20.92
N GLY D 41 20.39 -5.48 19.88
CA GLY D 41 20.99 -4.13 19.88
C GLY D 41 22.51 -4.15 19.88
N SER D 42 23.15 -5.33 19.78
CA SER D 42 24.64 -5.45 19.76
C SER D 42 25.19 -5.10 18.38
N GLY D 43 24.36 -5.10 17.34
CA GLY D 43 24.79 -4.88 15.95
C GLY D 43 25.67 -6.02 15.44
N VAL D 44 25.57 -7.19 16.06
CA VAL D 44 26.34 -8.40 15.64
C VAL D 44 25.87 -8.85 14.26
N ILE D 45 26.82 -9.08 13.38
CA ILE D 45 26.61 -9.89 12.13
C ILE D 45 27.76 -10.88 12.11
N GLY D 46 27.50 -12.08 12.64
CA GLY D 46 28.55 -13.09 12.90
C GLY D 46 28.52 -14.21 11.87
N ILE D 47 29.62 -14.40 11.16
CA ILE D 47 29.75 -15.52 10.19
C ILE D 47 30.34 -16.72 10.94
N ASN D 48 29.61 -17.82 11.00
CA ASN D 48 30.00 -19.03 11.77
C ASN D 48 30.27 -20.18 10.79
N GLY D 49 31.31 -20.96 11.08
CA GLY D 49 31.61 -22.19 10.35
C GLY D 49 32.17 -21.93 8.96
N ALA D 50 31.82 -22.80 8.00
CA ALA D 50 32.42 -22.89 6.65
C ALA D 50 32.35 -21.54 5.95
N ALA D 51 31.29 -20.77 6.21
CA ALA D 51 31.05 -19.48 5.53
C ALA D 51 32.20 -18.50 5.79
N ALA D 52 32.92 -18.65 6.90
CA ALA D 52 34.02 -17.75 7.29
C ALA D 52 35.14 -17.77 6.26
N HIS D 53 35.23 -18.82 5.44
CA HIS D 53 36.19 -18.87 4.32
C HIS D 53 35.85 -17.80 3.29
N LEU D 54 34.58 -17.44 3.15
CA LEU D 54 34.11 -16.64 1.99
C LEU D 54 33.79 -15.21 2.42
N VAL D 55 33.29 -15.04 3.64
CA VAL D 55 32.77 -13.76 4.15
C VAL D 55 33.56 -13.42 5.40
N HIS D 56 34.20 -12.26 5.38
CA HIS D 56 35.23 -11.89 6.38
C HIS D 56 34.82 -10.70 7.23
N PRO D 57 35.33 -10.61 8.46
CA PRO D 57 35.07 -9.44 9.29
C PRO D 57 35.43 -8.14 8.55
N GLY D 58 34.56 -7.15 8.69
CA GLY D 58 34.74 -5.85 8.02
C GLY D 58 34.03 -5.78 6.68
N ASP D 59 33.69 -6.94 6.08
CA ASP D 59 33.01 -6.98 4.76
C ASP D 59 31.62 -6.36 4.90
N LEU D 60 31.20 -5.60 3.88
CA LEU D 60 29.80 -5.15 3.72
C LEU D 60 29.04 -6.31 3.08
N VAL D 61 27.92 -6.70 3.68
CA VAL D 61 27.09 -7.82 3.20
C VAL D 61 25.65 -7.37 3.07
N ILE D 62 24.92 -8.08 2.20
CA ILE D 62 23.44 -8.01 2.13
C ILE D 62 22.93 -9.38 2.56
N LEU D 63 21.98 -9.39 3.51
CA LEU D 63 21.31 -10.63 3.95
C LEU D 63 19.89 -10.66 3.38
N ILE D 64 19.53 -11.76 2.72
CA ILE D 64 18.28 -11.83 1.93
C ILE D 64 17.53 -13.11 2.33
N ALA D 65 16.23 -13.02 2.55
CA ALA D 65 15.34 -14.20 2.61
C ALA D 65 14.24 -14.04 1.57
N TYR D 66 13.84 -15.17 1.00
CA TYR D 66 12.79 -15.26 -0.03
C TYR D 66 11.65 -16.09 0.56
N ALA D 67 10.46 -15.96 0.00
CA ALA D 67 9.29 -16.77 0.39
C ALA D 67 8.55 -17.20 -0.86
N THR D 68 7.92 -18.35 -0.76
CA THR D 68 7.07 -18.87 -1.82
C THR D 68 5.66 -18.45 -1.46
N MET D 69 4.96 -17.83 -2.39
CA MET D 69 3.62 -17.31 -2.10
C MET D 69 2.78 -17.33 -3.38
N ASP D 70 1.47 -17.47 -3.21
CA ASP D 70 0.54 -17.63 -4.37
C ASP D 70 0.57 -16.31 -5.15
N ASP D 71 0.31 -16.39 -6.44
CA ASP D 71 0.33 -15.23 -7.36
C ASP D 71 -0.36 -14.02 -6.69
N ALA D 72 -1.56 -14.19 -6.13
CA ALA D 72 -2.36 -13.05 -5.62
C ALA D 72 -1.57 -12.31 -4.53
N ARG D 73 -1.05 -13.03 -3.55
CA ARG D 73 -0.30 -12.46 -2.39
C ARG D 73 1.01 -11.85 -2.89
N ALA D 74 1.65 -12.47 -3.88
CA ALA D 74 2.97 -12.02 -4.41
C ALA D 74 2.87 -10.58 -4.93
N ARG D 75 1.73 -10.22 -5.51
CA ARG D 75 1.52 -8.91 -6.19
C ARG D 75 1.31 -7.80 -5.15
N THR D 76 0.97 -8.17 -3.91
CA THR D 76 0.52 -7.21 -2.86
C THR D 76 1.53 -7.20 -1.70
N TYR D 77 2.30 -8.28 -1.54
CA TYR D 77 3.25 -8.47 -0.43
C TYR D 77 4.28 -7.33 -0.46
N GLN D 78 4.56 -6.75 0.73
CA GLN D 78 5.59 -5.71 0.94
C GLN D 78 6.74 -6.36 1.69
N PRO D 79 7.95 -6.44 1.06
CA PRO D 79 9.10 -7.04 1.70
C PRO D 79 9.64 -6.13 2.81
N ARG D 80 10.25 -6.70 3.86
CA ARG D 80 10.81 -5.86 4.94
C ARG D 80 12.27 -5.60 4.59
N ILE D 81 12.59 -4.36 4.26
CA ILE D 81 13.93 -3.94 3.76
C ILE D 81 14.54 -3.04 4.84
N VAL D 82 15.68 -3.44 5.40
CA VAL D 82 16.28 -2.76 6.57
C VAL D 82 17.60 -2.16 6.09
N PHE D 83 17.69 -0.83 6.09
CA PHE D 83 18.96 -0.08 5.90
C PHE D 83 19.59 0.11 7.28
N VAL D 84 20.92 0.03 7.34
CA VAL D 84 21.66 0.07 8.62
C VAL D 84 22.84 1.03 8.49
N ASP D 85 23.24 1.61 9.61
CA ASP D 85 24.43 2.51 9.67
C ASP D 85 25.68 1.64 9.78
N ALA D 86 26.85 2.26 9.87
CA ALA D 86 28.14 1.53 10.00
C ALA D 86 28.18 0.68 11.26
N TYR D 87 27.26 0.87 12.22
CA TYR D 87 27.21 0.11 13.51
C TYR D 87 26.08 -0.91 13.49
N ASN D 88 25.48 -1.16 12.32
CA ASN D 88 24.44 -2.21 12.11
C ASN D 88 23.18 -1.87 12.91
N LYS D 89 22.85 -0.58 13.01
CA LYS D 89 21.59 -0.11 13.64
C LYS D 89 20.65 0.33 12.54
N PRO D 90 19.36 -0.06 12.59
CA PRO D 90 18.38 0.32 11.57
C PRO D 90 18.22 1.84 11.37
N ILE D 91 17.84 2.26 10.15
CA ILE D 91 17.51 3.66 9.78
C ILE D 91 16.15 3.67 9.08
N MET E 1 17.36 2.04 26.04
CA MET E 1 16.07 2.80 26.23
C MET E 1 14.98 2.18 25.36
N LEU E 2 13.93 1.67 25.99
CA LEU E 2 12.76 1.06 25.30
C LEU E 2 11.61 2.07 25.28
N ARG E 3 11.01 2.24 24.11
CA ARG E 3 9.74 2.99 23.92
C ARG E 3 8.59 2.02 23.79
N THR E 4 7.41 2.48 24.16
CA THR E 4 6.17 1.72 23.95
C THR E 4 5.58 2.24 22.66
N MET E 5 5.40 1.37 21.69
CA MET E 5 4.93 1.80 20.35
C MET E 5 3.68 1.04 19.97
N LEU E 6 2.80 1.66 19.19
CA LEU E 6 1.70 0.95 18.50
C LEU E 6 2.30 -0.16 17.63
N LYS E 7 1.82 -1.39 17.74
CA LYS E 7 2.19 -2.47 16.80
C LYS E 7 0.98 -2.97 16.00
N SER E 8 -0.20 -3.02 16.61
CA SER E 8 -1.43 -3.56 15.99
C SER E 8 -2.59 -2.60 16.24
N LYS E 9 -3.47 -2.47 15.25
CA LYS E 9 -4.73 -1.72 15.36
C LYS E 9 -5.75 -2.39 14.44
N ILE E 10 -6.89 -2.76 15.01
CA ILE E 10 -8.11 -3.08 14.25
C ILE E 10 -9.04 -1.89 14.40
N HIS E 11 -9.26 -1.21 13.30
CA HIS E 11 -9.97 0.09 13.28
C HIS E 11 -11.47 -0.05 12.95
N ARG E 12 -12.27 0.39 13.94
CA ARG E 12 -13.73 0.55 13.82
C ARG E 12 -14.36 -0.80 13.50
N ALA E 13 -14.08 -1.79 14.33
CA ALA E 13 -14.76 -3.10 14.31
C ALA E 13 -16.04 -2.96 15.09
N THR E 14 -17.00 -3.81 14.78
CA THR E 14 -18.30 -3.80 15.43
C THR E 14 -18.31 -4.98 16.37
N VAL E 15 -18.65 -4.72 17.62
CA VAL E 15 -18.82 -5.84 18.58
C VAL E 15 -20.04 -6.66 18.16
N THR E 16 -19.88 -7.96 17.97
CA THR E 16 -20.93 -8.87 17.44
C THR E 16 -21.64 -9.59 18.59
N CYS E 17 -20.96 -9.90 19.68
CA CYS E 17 -21.58 -10.59 20.82
C CYS E 17 -20.82 -10.27 22.10
N ALA E 18 -21.41 -10.62 23.23
CA ALA E 18 -20.84 -10.41 24.57
C ALA E 18 -21.44 -11.46 25.50
N ASP E 19 -20.66 -11.93 26.44
CA ASP E 19 -21.08 -12.89 27.47
C ASP E 19 -20.44 -12.46 28.77
N LEU E 20 -21.25 -12.04 29.73
CA LEU E 20 -20.79 -11.64 31.08
C LEU E 20 -20.21 -12.87 31.77
N HIS E 21 -20.86 -14.00 31.53
CA HIS E 21 -20.57 -15.21 32.28
C HIS E 21 -19.78 -16.23 31.44
N TYR E 22 -18.98 -15.77 30.47
CA TYR E 22 -18.00 -16.59 29.70
C TYR E 22 -17.17 -17.44 30.66
N VAL E 23 -16.86 -18.67 30.24
CA VAL E 23 -15.87 -19.60 30.90
C VAL E 23 -14.82 -20.01 29.85
N GLY E 24 -13.55 -19.64 30.06
CA GLY E 24 -12.42 -19.96 29.14
C GLY E 24 -11.17 -19.14 29.47
N VAL F 2 -11.40 -10.80 24.99
CA VAL F 2 -12.01 -10.39 23.66
C VAL F 2 -11.73 -11.47 22.63
N THR F 3 -12.79 -12.02 22.06
CA THR F 3 -12.72 -13.04 21.03
C THR F 3 -12.65 -12.32 19.69
N ILE F 4 -11.60 -12.60 18.92
CA ILE F 4 -11.36 -11.93 17.62
C ILE F 4 -11.24 -12.98 16.54
N ASP F 5 -11.90 -12.76 15.41
CA ASP F 5 -11.83 -13.59 14.22
C ASP F 5 -10.37 -13.81 13.89
N ALA F 6 -9.95 -15.04 13.73
CA ALA F 6 -8.54 -15.42 13.48
C ALA F 6 -7.97 -14.61 12.31
N ASP F 7 -8.80 -14.25 11.33
CA ASP F 7 -8.34 -13.51 10.13
C ASP F 7 -7.87 -12.11 10.56
N LEU F 8 -8.59 -11.48 11.48
CA LEU F 8 -8.25 -10.12 11.96
C LEU F 8 -7.00 -10.21 12.84
N MET F 9 -6.88 -11.28 13.62
CA MET F 9 -5.69 -11.51 14.47
C MET F 9 -4.44 -11.65 13.59
N ASP F 10 -4.51 -12.46 12.54
CA ASP F 10 -3.40 -12.63 11.56
C ASP F 10 -3.12 -11.27 10.92
N ALA F 11 -4.17 -10.60 10.42
CA ALA F 11 -4.04 -9.30 9.73
C ALA F 11 -3.36 -8.29 10.66
N ALA F 12 -3.69 -8.31 11.96
CA ALA F 12 -3.23 -7.31 12.95
C ALA F 12 -1.97 -7.80 13.68
N ASP F 13 -1.55 -9.05 13.42
CA ASP F 13 -0.36 -9.68 14.06
C ASP F 13 -0.61 -9.77 15.57
N LEU F 14 -1.73 -10.38 15.97
CA LEU F 14 -2.09 -10.65 17.38
C LEU F 14 -2.02 -12.14 17.62
N LEU F 15 -1.50 -12.54 18.75
CA LEU F 15 -1.48 -13.95 19.22
C LEU F 15 -2.61 -14.16 20.22
N GLU F 16 -3.09 -15.39 20.33
CA GLU F 16 -3.94 -15.80 21.46
C GLU F 16 -3.19 -15.46 22.75
N GLY F 17 -3.83 -14.70 23.63
CA GLY F 17 -3.25 -14.32 24.93
C GLY F 17 -2.50 -13.01 24.88
N GLU F 18 -2.37 -12.39 23.71
CA GLU F 18 -1.64 -11.11 23.61
C GLU F 18 -2.50 -9.99 24.18
N GLN F 19 -1.89 -9.10 24.96
CA GLN F 19 -2.61 -8.01 25.61
C GLN F 19 -3.18 -7.08 24.55
N VAL F 20 -4.43 -6.67 24.75
CA VAL F 20 -5.14 -5.80 23.79
C VAL F 20 -5.88 -4.73 24.57
N THR F 21 -5.84 -3.51 24.05
CA THR F 21 -6.59 -2.39 24.58
C THR F 21 -7.83 -2.24 23.70
N ILE F 22 -9.00 -2.23 24.30
CA ILE F 22 -10.26 -1.93 23.54
C ILE F 22 -10.70 -0.52 23.90
N VAL F 23 -10.96 0.29 22.89
CA VAL F 23 -11.58 1.62 23.10
C VAL F 23 -12.91 1.64 22.35
N ASP F 24 -13.96 2.14 23.00
CA ASP F 24 -15.34 2.11 22.49
C ASP F 24 -15.70 3.49 21.94
N ILE F 25 -15.96 3.57 20.65
CA ILE F 25 -16.26 4.87 19.98
C ILE F 25 -17.65 5.35 20.40
N ASP F 26 -18.53 4.41 20.74
CA ASP F 26 -19.93 4.75 21.07
C ASP F 26 -20.02 5.34 22.49
N ASN F 27 -19.36 4.76 23.48
CA ASN F 27 -19.58 5.15 24.89
C ASN F 27 -18.28 5.64 25.54
N GLY F 28 -17.14 5.61 24.85
CA GLY F 28 -15.87 6.15 25.37
C GLY F 28 -15.18 5.24 26.38
N ALA F 29 -15.69 4.04 26.64
CA ALA F 29 -15.01 3.02 27.46
C ALA F 29 -13.63 2.70 26.92
N ARG F 30 -12.70 2.45 27.83
CA ARG F 30 -11.32 2.09 27.49
C ARG F 30 -10.84 1.03 28.45
N LEU F 31 -10.47 -0.14 27.97
CA LEU F 31 -10.03 -1.21 28.90
C LEU F 31 -8.93 -2.03 28.27
N VAL F 32 -8.27 -2.78 29.12
CA VAL F 32 -7.13 -3.61 28.68
C VAL F 32 -7.57 -5.05 28.89
N THR F 33 -7.41 -5.85 27.86
CA THR F 33 -7.75 -7.27 27.92
C THR F 33 -6.82 -8.02 27.00
N TYR F 34 -7.09 -9.32 26.86
CA TYR F 34 -6.27 -10.16 25.97
C TYR F 34 -7.11 -10.75 24.87
N ALA F 35 -6.43 -11.13 23.79
CA ALA F 35 -7.08 -11.68 22.58
C ALA F 35 -7.32 -13.18 22.77
N ILE F 36 -8.53 -13.63 22.46
CA ILE F 36 -8.88 -15.07 22.23
C ILE F 36 -9.22 -15.26 20.76
N THR F 37 -8.71 -16.34 20.16
CA THR F 37 -8.90 -16.64 18.72
C THR F 37 -10.37 -17.03 18.51
N GLY F 38 -11.05 -16.33 17.61
CA GLY F 38 -12.44 -16.61 17.22
C GLY F 38 -12.51 -17.33 15.89
N GLU F 39 -13.63 -18.00 15.63
CA GLU F 39 -13.86 -18.79 14.40
C GLU F 39 -13.42 -17.94 13.19
N ARG F 40 -12.54 -18.49 12.35
CA ARG F 40 -11.92 -17.76 11.22
C ARG F 40 -13.00 -17.36 10.21
N GLY F 41 -12.97 -16.12 9.73
CA GLY F 41 -13.90 -15.58 8.73
C GLY F 41 -15.31 -15.35 9.26
N SER F 42 -15.58 -15.56 10.55
CA SER F 42 -16.92 -15.33 11.16
C SER F 42 -17.19 -13.85 11.42
N GLY F 43 -16.15 -13.01 11.43
CA GLY F 43 -16.27 -11.58 11.77
C GLY F 43 -16.63 -11.36 13.23
N VAL F 44 -16.38 -12.36 14.08
CA VAL F 44 -16.71 -12.29 15.53
C VAL F 44 -15.81 -11.23 16.18
N ILE F 45 -16.42 -10.35 16.96
CA ILE F 45 -15.73 -9.51 17.97
C ILE F 45 -16.52 -9.69 19.26
N GLY F 46 -16.08 -10.62 20.10
CA GLY F 46 -16.84 -11.05 21.29
C GLY F 46 -16.26 -10.50 22.57
N ILE F 47 -17.04 -9.74 23.32
CA ILE F 47 -16.59 -9.21 24.63
C ILE F 47 -16.99 -10.19 25.73
N ASN F 48 -16.00 -10.75 26.44
CA ASN F 48 -16.21 -11.84 27.43
C ASN F 48 -15.89 -11.33 28.83
N GLY F 49 -16.72 -11.75 29.79
CA GLY F 49 -16.51 -11.45 31.22
C GLY F 49 -16.83 -10.00 31.56
N ALA F 50 -16.08 -9.44 32.50
CA ALA F 50 -16.36 -8.14 33.17
C ALA F 50 -16.46 -7.02 32.11
N ALA F 51 -15.69 -7.15 31.03
CA ALA F 51 -15.61 -6.11 29.98
C ALA F 51 -17.01 -5.88 29.36
N ALA F 52 -17.88 -6.89 29.36
CA ALA F 52 -19.22 -6.82 28.74
C ALA F 52 -20.06 -5.74 29.41
N HIS F 53 -19.73 -5.33 30.63
CA HIS F 53 -20.42 -4.19 31.29
C HIS F 53 -20.14 -2.90 30.52
N LEU F 54 -18.98 -2.78 29.89
CA LEU F 54 -18.48 -1.48 29.37
C LEU F 54 -18.61 -1.42 27.85
N VAL F 55 -18.43 -2.55 27.18
CA VAL F 55 -18.36 -2.62 25.70
C VAL F 55 -19.44 -3.58 25.25
N HIS F 56 -20.32 -3.11 24.40
CA HIS F 56 -21.59 -3.81 24.08
C HIS F 56 -21.67 -4.19 22.62
N PRO F 57 -22.39 -5.29 22.31
CA PRO F 57 -22.69 -5.60 20.91
C PRO F 57 -23.29 -4.41 20.18
N GLY F 58 -22.85 -4.20 18.96
CA GLY F 58 -23.30 -3.06 18.13
C GLY F 58 -22.33 -1.90 18.23
N ASP F 59 -21.55 -1.82 19.30
CA ASP F 59 -20.58 -0.71 19.50
C ASP F 59 -19.47 -0.80 18.45
N LEU F 60 -19.05 0.36 17.95
CA LEU F 60 -17.80 0.50 17.15
C LEU F 60 -16.64 0.56 18.13
N VAL F 61 -15.64 -0.28 17.92
CA VAL F 61 -14.45 -0.34 18.80
C VAL F 61 -13.17 -0.25 17.98
N ILE F 62 -12.11 0.19 18.63
CA ILE F 62 -10.73 0.09 18.11
C ILE F 62 -9.99 -0.88 19.03
N LEU F 63 -9.31 -1.87 18.46
CA LEU F 63 -8.47 -2.82 19.20
C LEU F 63 -7.01 -2.48 18.95
N ILE F 64 -6.22 -2.35 20.02
CA ILE F 64 -4.83 -1.82 19.95
C ILE F 64 -3.92 -2.77 20.71
N ALA F 65 -2.75 -3.09 20.16
CA ALA F 65 -1.65 -3.73 20.90
C ALA F 65 -0.40 -2.86 20.78
N TYR F 66 0.38 -2.84 21.84
CA TYR F 66 1.63 -2.06 21.94
C TYR F 66 2.81 -3.02 22.05
N ALA F 67 3.99 -2.55 21.72
CA ALA F 67 5.25 -3.33 21.84
C ALA F 67 6.33 -2.42 22.36
N THR F 68 7.22 -3.02 23.11
CA THR F 68 8.36 -2.32 23.71
C THR F 68 9.52 -2.54 22.76
N MET F 69 10.19 -1.47 22.35
CA MET F 69 11.30 -1.65 21.40
C MET F 69 12.33 -0.54 21.57
N ASP F 70 13.59 -0.86 21.28
CA ASP F 70 14.74 0.06 21.46
C ASP F 70 14.53 1.22 20.50
N ASP F 71 15.08 2.37 20.87
CA ASP F 71 15.00 3.63 20.09
C ASP F 71 15.17 3.33 18.59
N ALA F 72 16.22 2.61 18.20
CA ALA F 72 16.58 2.44 16.78
C ALA F 72 15.41 1.78 16.03
N ARG F 73 14.89 0.66 16.56
CA ARG F 73 13.79 -0.12 15.95
CA ARG F 73 13.79 -0.12 15.94
C ARG F 73 12.50 0.71 15.95
N ALA F 74 12.28 1.51 16.99
CA ALA F 74 11.03 2.31 17.14
C ALA F 74 10.86 3.26 15.97
N ARG F 75 11.98 3.79 15.45
CA ARG F 75 11.98 4.85 14.39
C ARG F 75 11.67 4.21 13.03
N THR F 76 11.82 2.89 12.89
CA THR F 76 11.78 2.16 11.60
C THR F 76 10.56 1.21 11.57
N TYR F 77 10.07 0.79 12.75
CA TYR F 77 9.02 -0.24 12.84
CA TYR F 77 9.01 -0.23 12.84
C TYR F 77 7.75 0.28 12.12
N GLN F 78 7.10 -0.59 11.35
CA GLN F 78 5.80 -0.33 10.69
C GLN F 78 4.73 -1.13 11.40
N PRO F 79 3.75 -0.46 12.03
CA PRO F 79 2.66 -1.16 12.73
C PRO F 79 1.69 -1.81 11.72
N ARG F 80 1.04 -2.88 12.12
CA ARG F 80 0.00 -3.56 11.33
C ARG F 80 -1.34 -2.89 11.64
N ILE F 81 -1.89 -2.17 10.68
CA ILE F 81 -3.17 -1.43 10.82
C ILE F 81 -4.20 -2.12 9.95
N VAL F 82 -5.28 -2.60 10.52
CA VAL F 82 -6.36 -3.34 9.83
C VAL F 82 -7.62 -2.47 9.85
N PHE F 83 -8.06 -2.05 8.67
CA PHE F 83 -9.41 -1.45 8.46
C PHE F 83 -10.39 -2.60 8.19
N VAL F 84 -11.62 -2.46 8.66
CA VAL F 84 -12.66 -3.51 8.49
C VAL F 84 -13.96 -2.85 8.04
N ASP F 85 -14.78 -3.62 7.33
CA ASP F 85 -16.13 -3.17 6.90
C ASP F 85 -17.10 -3.35 8.07
N ALA F 86 -18.38 -3.04 7.87
CA ALA F 86 -19.43 -3.19 8.90
C ALA F 86 -19.57 -4.64 9.34
N TYR F 87 -19.02 -5.61 8.59
CA TYR F 87 -19.14 -7.07 8.89
C TYR F 87 -17.81 -7.62 9.43
N ASN F 88 -16.88 -6.72 9.79
CA ASN F 88 -15.59 -7.08 10.45
C ASN F 88 -14.72 -7.90 9.49
N LYS F 89 -14.77 -7.59 8.20
CA LYS F 89 -13.89 -8.22 7.18
C LYS F 89 -12.82 -7.20 6.81
N PRO F 90 -11.54 -7.62 6.71
CA PRO F 90 -10.45 -6.70 6.38
C PRO F 90 -10.60 -5.99 5.02
N ILE F 91 -10.02 -4.81 4.89
CA ILE F 91 -9.93 -4.01 3.62
C ILE F 91 -8.46 -3.69 3.33
N MET G 1 -3.14 -4.41 -30.70
CA MET G 1 -4.42 -3.94 -30.11
C MET G 1 -4.12 -2.86 -29.06
N LEU G 2 -4.66 -1.66 -29.26
CA LEU G 2 -4.61 -0.55 -28.29
C LEU G 2 -5.94 -0.47 -27.55
N ARG G 3 -5.89 -0.40 -26.22
CA ARG G 3 -7.08 -0.16 -25.36
C ARG G 3 -7.07 1.27 -24.91
N THR G 4 -8.26 1.80 -24.62
CA THR G 4 -8.38 3.12 -24.03
C THR G 4 -8.50 2.90 -22.53
N MET G 5 -7.61 3.48 -21.77
CA MET G 5 -7.55 3.21 -20.31
C MET G 5 -7.62 4.53 -19.55
N LEU G 6 -8.21 4.51 -18.36
CA LEU G 6 -8.06 5.63 -17.40
C LEU G 6 -6.57 5.83 -17.10
N LYS G 7 -6.08 7.06 -17.21
CA LYS G 7 -4.70 7.41 -16.77
C LYS G 7 -4.72 8.42 -15.63
N SER G 8 -5.66 9.37 -15.64
CA SER G 8 -5.75 10.47 -14.66
C SER G 8 -7.19 10.61 -14.17
N LYS G 9 -7.35 10.92 -12.91
CA LYS G 9 -8.66 11.23 -12.29
C LYS G 9 -8.42 12.25 -11.17
N ILE G 10 -9.12 13.38 -11.25
CA ILE G 10 -9.31 14.29 -10.09
C ILE G 10 -10.73 14.07 -9.60
N HIS G 11 -10.83 13.53 -8.40
CA HIS G 11 -12.11 13.07 -7.82
C HIS G 11 -12.77 14.13 -6.92
N ARG G 12 -13.96 14.53 -7.34
CA ARG G 12 -14.90 15.37 -6.57
C ARG G 12 -14.24 16.70 -6.26
N ALA G 13 -13.77 17.38 -7.30
CA ALA G 13 -13.33 18.79 -7.20
C ALA G 13 -14.56 19.66 -7.33
N THR G 14 -14.44 20.88 -6.82
CA THR G 14 -15.52 21.86 -6.91
C THR G 14 -15.09 22.85 -7.96
N VAL G 15 -15.98 23.10 -8.91
CA VAL G 15 -15.74 24.19 -9.89
C VAL G 15 -15.77 25.52 -9.14
N THR G 16 -14.71 26.33 -9.27
CA THR G 16 -14.54 27.59 -8.51
C THR G 16 -15.00 28.79 -9.35
N CYS G 17 -14.87 28.75 -10.67
CA CYS G 17 -15.29 29.87 -11.53
C CYS G 17 -15.65 29.35 -12.91
N ALA G 18 -16.26 30.22 -13.70
CA ALA G 18 -16.71 29.97 -15.08
C ALA G 18 -16.78 31.31 -15.79
N ASP G 19 -16.42 31.31 -17.06
CA ASP G 19 -16.54 32.49 -17.95
C ASP G 19 -17.02 31.95 -19.29
N LEU G 20 -18.23 32.32 -19.68
CA LEU G 20 -18.80 31.95 -20.99
C LEU G 20 -17.98 32.62 -22.08
N HIS G 21 -17.55 33.83 -21.78
CA HIS G 21 -16.92 34.67 -22.81
C HIS G 21 -15.39 34.77 -22.60
N TYR G 22 -14.76 33.74 -22.05
CA TYR G 22 -13.28 33.56 -21.97
C TYR G 22 -12.66 33.81 -23.34
N VAL G 23 -11.47 34.42 -23.37
CA VAL G 23 -10.57 34.54 -24.55
C VAL G 23 -9.20 33.95 -24.19
N GLY G 24 -8.77 32.88 -24.88
CA GLY G 24 -7.47 32.20 -24.67
C GLY G 24 -7.43 30.80 -25.28
N VAL H 2 -10.90 24.00 -19.55
CA VAL H 2 -10.91 23.87 -18.04
C VAL H 2 -9.56 24.27 -17.49
N THR H 3 -9.57 25.30 -16.66
CA THR H 3 -8.39 25.82 -15.97
C THR H 3 -8.22 25.01 -14.71
N ILE H 4 -7.08 24.34 -14.56
CA ILE H 4 -6.81 23.48 -13.39
C ILE H 4 -5.56 23.97 -12.69
N ASP H 5 -5.61 24.01 -11.38
CA ASP H 5 -4.48 24.33 -10.51
C ASP H 5 -3.31 23.46 -10.90
N ALA H 6 -2.18 24.10 -11.18
CA ALA H 6 -0.96 23.39 -11.63
C ALA H 6 -0.65 22.21 -10.69
N ASP H 7 -0.97 22.34 -9.40
CA ASP H 7 -0.69 21.29 -8.40
C ASP H 7 -1.52 20.05 -8.72
N LEU H 8 -2.78 20.25 -9.11
CA LEU H 8 -3.69 19.11 -9.43
C LEU H 8 -3.26 18.48 -10.75
N MET H 9 -2.78 19.30 -11.69
CA MET H 9 -2.30 18.81 -13.00
C MET H 9 -1.07 17.93 -12.77
N ASP H 10 -0.11 18.37 -11.95
CA ASP H 10 1.10 17.58 -11.61
C ASP H 10 0.63 16.31 -10.89
N ALA H 11 -0.23 16.45 -9.88
CA ALA H 11 -0.73 15.31 -9.09
C ALA H 11 -1.41 14.27 -10.00
N ALA H 12 -2.15 14.74 -11.00
CA ALA H 12 -2.98 13.88 -11.89
C ALA H 12 -2.22 13.52 -13.17
N ASP H 13 -1.02 14.08 -13.36
CA ASP H 13 -0.17 13.83 -14.56
C ASP H 13 -0.92 14.33 -15.80
N LEU H 14 -1.34 15.59 -15.78
CA LEU H 14 -2.00 16.27 -16.93
C LEU H 14 -1.06 17.34 -17.47
N LEU H 15 -0.97 17.45 -18.77
CA LEU H 15 -0.24 18.53 -19.46
C LEU H 15 -1.21 19.62 -19.89
N GLU H 16 -0.73 20.84 -20.03
CA GLU H 16 -1.48 21.91 -20.73
C GLU H 16 -1.84 21.39 -22.12
N GLY H 17 -3.11 21.44 -22.45
CA GLY H 17 -3.63 21.01 -23.77
C GLY H 17 -4.06 19.56 -23.77
N GLU H 18 -3.89 18.83 -22.67
CA GLU H 18 -4.27 17.41 -22.64
C GLU H 18 -5.79 17.28 -22.56
N GLN H 19 -6.36 16.37 -23.32
CA GLN H 19 -7.82 16.22 -23.37
C GLN H 19 -8.32 15.71 -22.03
N VAL H 20 -9.40 16.32 -21.59
CA VAL H 20 -10.00 16.01 -20.26
C VAL H 20 -11.49 15.86 -20.45
N THR H 21 -12.06 14.86 -19.78
CA THR H 21 -13.50 14.66 -19.72
C THR H 21 -13.95 15.22 -18.39
N ILE H 22 -14.93 16.10 -18.41
CA ILE H 22 -15.56 16.60 -17.14
C ILE H 22 -16.91 15.94 -16.99
N VAL H 23 -17.15 15.36 -15.81
CA VAL H 23 -18.46 14.81 -15.46
C VAL H 23 -18.97 15.56 -14.23
N ASP H 24 -20.24 15.98 -14.26
CA ASP H 24 -20.83 16.87 -13.22
C ASP H 24 -21.71 16.02 -12.32
N ILE H 25 -21.35 15.93 -11.04
CA ILE H 25 -22.10 15.08 -10.08
C ILE H 25 -23.43 15.72 -9.76
N ASP H 26 -23.48 17.05 -9.86
CA ASP H 26 -24.68 17.80 -9.48
C ASP H 26 -25.76 17.71 -10.56
N ASN H 27 -25.42 17.85 -11.83
CA ASN H 27 -26.44 17.97 -12.89
C ASN H 27 -26.29 16.84 -13.93
N GLY H 28 -25.28 15.98 -13.84
CA GLY H 28 -25.12 14.81 -14.73
C GLY H 28 -24.57 15.17 -16.11
N ALA H 29 -24.18 16.43 -16.34
CA ALA H 29 -23.46 16.84 -17.57
C ALA H 29 -22.18 16.04 -17.73
N ARG H 30 -21.84 15.76 -18.98
CA ARG H 30 -20.59 15.08 -19.33
C ARG H 30 -20.07 15.74 -20.58
N LEU H 31 -18.84 16.26 -20.57
CA LEU H 31 -18.28 16.89 -21.79
C LEU H 31 -16.79 16.64 -21.89
N VAL H 32 -16.28 16.91 -23.07
CA VAL H 32 -14.85 16.72 -23.37
C VAL H 32 -14.25 18.10 -23.62
N THR H 33 -13.17 18.35 -22.92
CA THR H 33 -12.41 19.60 -23.09
C THR H 33 -10.95 19.32 -22.81
N TYR H 34 -10.15 20.36 -22.83
CA TYR H 34 -8.71 20.22 -22.58
C TYR H 34 -8.30 21.01 -21.34
N ALA H 35 -7.14 20.69 -20.78
CA ALA H 35 -6.62 21.31 -19.55
C ALA H 35 -5.84 22.57 -19.91
N ILE H 36 -6.10 23.65 -19.18
CA ILE H 36 -5.28 24.89 -19.12
C ILE H 36 -4.69 24.99 -17.71
N THR H 37 -3.40 25.33 -17.64
CA THR H 37 -2.68 25.41 -16.34
C THR H 37 -3.19 26.64 -15.59
N GLY H 38 -3.68 26.45 -14.35
CA GLY H 38 -4.14 27.53 -13.47
C GLY H 38 -3.12 27.85 -12.41
N GLU H 39 -3.24 29.04 -11.81
CA GLU H 39 -2.31 29.54 -10.77
C GLU H 39 -2.08 28.44 -9.73
N ARG H 40 -0.83 28.08 -9.49
CA ARG H 40 -0.45 26.94 -8.61
C ARG H 40 -0.93 27.21 -7.18
N GLY H 41 -1.54 26.20 -6.54
CA GLY H 41 -2.02 26.26 -5.16
C GLY H 41 -3.26 27.13 -4.98
N SER H 42 -3.84 27.69 -6.05
CA SER H 42 -5.07 28.53 -5.96
C SER H 42 -6.33 27.69 -5.80
N GLY H 43 -6.27 26.40 -6.12
CA GLY H 43 -7.43 25.49 -6.07
C GLY H 43 -8.42 25.80 -7.16
N VAL H 44 -7.99 26.51 -8.20
CA VAL H 44 -8.86 26.90 -9.34
C VAL H 44 -9.30 25.67 -10.14
N ILE H 45 -10.60 25.61 -10.40
CA ILE H 45 -11.21 24.73 -11.41
C ILE H 45 -12.13 25.61 -12.19
N GLY H 46 -11.61 26.16 -13.28
CA GLY H 46 -12.33 27.17 -14.09
C GLY H 46 -12.93 26.62 -15.36
N ILE H 47 -14.23 26.75 -15.58
CA ILE H 47 -14.88 26.26 -16.82
C ILE H 47 -14.93 27.44 -17.78
N ASN H 48 -14.30 27.31 -18.93
CA ASN H 48 -14.14 28.42 -19.90
C ASN H 48 -14.94 28.09 -21.16
N GLY H 49 -15.58 29.13 -21.73
CA GLY H 49 -16.31 29.04 -23.00
C GLY H 49 -17.61 28.27 -22.86
N ALA H 50 -17.97 27.54 -23.93
CA ALA H 50 -19.29 26.90 -24.14
C ALA H 50 -19.63 25.98 -22.97
N ALA H 51 -18.61 25.36 -22.39
CA ALA H 51 -18.80 24.35 -21.31
C ALA H 51 -19.49 25.00 -20.10
N ALA H 52 -19.36 26.31 -19.91
CA ALA H 52 -19.92 27.04 -18.75
C ALA H 52 -21.44 26.94 -18.74
N HIS H 53 -22.05 26.59 -19.85
CA HIS H 53 -23.50 26.38 -19.90
C HIS H 53 -23.84 25.12 -19.12
N LEU H 54 -22.93 24.16 -19.05
CA LEU H 54 -23.27 22.80 -18.58
C LEU H 54 -22.72 22.57 -17.17
N VAL H 55 -21.56 23.13 -16.89
CA VAL H 55 -20.81 22.85 -15.64
C VAL H 55 -20.59 24.18 -14.96
N HIS H 56 -21.05 24.28 -13.71
CA HIS H 56 -21.19 25.58 -13.02
C HIS H 56 -20.35 25.66 -11.76
N PRO H 57 -19.88 26.88 -11.40
CA PRO H 57 -19.24 27.07 -10.12
C PRO H 57 -20.07 26.52 -8.95
N GLY H 58 -19.39 25.80 -8.06
CA GLY H 58 -20.03 25.16 -6.92
C GLY H 58 -20.37 23.71 -7.20
N ASP H 59 -20.46 23.32 -8.46
CA ASP H 59 -20.71 21.90 -8.84
C ASP H 59 -19.53 21.04 -8.40
N LEU H 60 -19.82 19.84 -7.92
CA LEU H 60 -18.82 18.75 -7.74
C LEU H 60 -18.63 18.10 -9.12
N VAL H 61 -17.37 18.01 -9.54
CA VAL H 61 -17.01 17.41 -10.85
C VAL H 61 -15.94 16.35 -10.65
N ILE H 62 -15.88 15.44 -11.61
CA ILE H 62 -14.74 14.50 -11.75
C ILE H 62 -14.07 14.87 -13.09
N LEU H 63 -12.76 15.04 -13.06
CA LEU H 63 -11.94 15.29 -14.27
C LEU H 63 -11.17 14.01 -14.61
N ILE H 64 -11.27 13.56 -15.85
CA ILE H 64 -10.76 12.23 -16.28
C ILE H 64 -9.93 12.43 -17.53
N ALA H 65 -8.77 11.79 -17.60
CA ALA H 65 -8.01 11.65 -18.87
C ALA H 65 -7.85 10.16 -19.16
N TYR H 66 -7.91 9.84 -20.45
CA TYR H 66 -7.69 8.47 -20.95
C TYR H 66 -6.40 8.44 -21.74
N ALA H 67 -5.82 7.25 -21.87
CA ALA H 67 -4.70 7.02 -22.81
C ALA H 67 -4.95 5.76 -23.60
N THR H 68 -4.47 5.77 -24.82
CA THR H 68 -4.47 4.60 -25.70
C THR H 68 -3.13 3.92 -25.48
N MET H 69 -3.16 2.64 -25.19
CA MET H 69 -1.93 1.89 -24.90
C MET H 69 -2.09 0.45 -25.31
N ASP H 70 -0.97 -0.18 -25.67
CA ASP H 70 -0.94 -1.56 -26.17
C ASP H 70 -1.43 -2.48 -25.06
N ASP H 71 -2.03 -3.59 -25.45
CA ASP H 71 -2.61 -4.57 -24.50
C ASP H 71 -1.65 -4.81 -23.31
N ALA H 72 -0.37 -5.06 -23.56
CA ALA H 72 0.58 -5.44 -22.49
C ALA H 72 0.62 -4.35 -21.41
N ARG H 73 0.80 -3.09 -21.82
CA ARG H 73 0.93 -1.93 -20.88
CA ARG H 73 0.93 -1.93 -20.89
C ARG H 73 -0.41 -1.70 -20.18
N ALA H 74 -1.54 -1.91 -20.89
CA ALA H 74 -2.89 -1.65 -20.35
C ALA H 74 -3.12 -2.50 -19.10
N ARG H 75 -2.57 -3.71 -19.06
CA ARG H 75 -2.81 -4.71 -17.97
C ARG H 75 -2.04 -4.32 -16.72
N THR H 76 -1.01 -3.48 -16.86
CA THR H 76 -0.03 -3.19 -15.79
C THR H 76 -0.10 -1.71 -15.38
N TYR H 77 -0.64 -0.84 -16.25
CA TYR H 77 -0.69 0.62 -16.03
C TYR H 77 -1.43 0.96 -14.74
N GLN H 78 -0.85 1.86 -13.94
CA GLN H 78 -1.46 2.42 -12.71
C GLN H 78 -1.86 3.87 -12.99
N PRO H 79 -3.17 4.20 -12.96
CA PRO H 79 -3.61 5.57 -13.19
C PRO H 79 -3.25 6.47 -12.01
N ARG H 80 -3.05 7.77 -12.23
CA ARG H 80 -2.88 8.77 -11.16
C ARG H 80 -4.27 9.26 -10.75
N ILE H 81 -4.69 8.93 -9.54
CA ILE H 81 -6.02 9.29 -8.98
C ILE H 81 -5.78 10.31 -7.87
N VAL H 82 -6.36 11.50 -8.00
CA VAL H 82 -6.19 12.61 -7.03
C VAL H 82 -7.52 12.82 -6.33
N PHE H 83 -7.56 12.60 -5.02
CA PHE H 83 -8.68 13.04 -4.13
C PHE H 83 -8.38 14.46 -3.66
N VAL H 84 -9.41 15.29 -3.54
CA VAL H 84 -9.24 16.72 -3.14
C VAL H 84 -10.26 17.07 -2.05
N ASP H 85 -9.91 18.05 -1.22
CA ASP H 85 -10.83 18.58 -0.17
C ASP H 85 -11.79 19.58 -0.83
N ALA H 86 -12.67 20.20 -0.05
CA ALA H 86 -13.64 21.19 -0.55
C ALA H 86 -12.92 22.40 -1.17
N TYR H 87 -11.61 22.58 -0.93
CA TYR H 87 -10.83 23.75 -1.43
C TYR H 87 -9.90 23.30 -2.57
N ASN H 88 -10.10 22.10 -3.11
CA ASN H 88 -9.38 21.58 -4.30
C ASN H 88 -7.89 21.41 -3.98
N LYS H 89 -7.57 21.00 -2.76
CA LYS H 89 -6.19 20.66 -2.36
C LYS H 89 -6.09 19.14 -2.29
N PRO H 90 -5.01 18.55 -2.85
CA PRO H 90 -4.84 17.09 -2.83
C PRO H 90 -4.82 16.46 -1.43
N ILE H 91 -5.23 15.19 -1.33
CA ILE H 91 -5.17 14.32 -0.12
C ILE H 91 -4.46 13.02 -0.52
N MET I 1 17.30 -4.95 36.57
CA MET I 1 16.06 -4.18 36.91
C MET I 1 15.91 -2.98 35.98
N LEU I 2 14.81 -2.94 35.22
CA LEU I 2 14.48 -1.83 34.32
C LEU I 2 13.44 -0.93 34.99
N ARG I 3 13.67 0.38 34.96
CA ARG I 3 12.72 1.37 35.51
C ARG I 3 11.93 2.03 34.40
N THR I 4 10.73 2.47 34.72
CA THR I 4 9.88 3.21 33.78
C THR I 4 10.05 4.66 34.15
N MET I 5 10.52 5.43 33.19
CA MET I 5 10.91 6.84 33.46
C MET I 5 10.15 7.76 32.50
N LEU I 6 9.85 8.97 32.94
CA LEU I 6 9.42 10.06 32.04
C LEU I 6 10.49 10.26 30.97
N LYS I 7 10.10 10.28 29.70
CA LYS I 7 11.00 10.71 28.61
C LYS I 7 10.47 11.96 27.92
N SER I 8 9.16 12.09 27.74
CA SER I 8 8.53 13.19 26.99
C SER I 8 7.35 13.76 27.79
N LYS I 9 7.20 15.06 27.72
CA LYS I 9 6.07 15.80 28.32
C LYS I 9 5.81 17.04 27.47
N ILE I 10 4.59 17.17 26.97
CA ILE I 10 4.10 18.45 26.38
C ILE I 10 3.14 19.05 27.37
N HIS I 11 3.58 20.17 27.94
CA HIS I 11 2.94 20.77 29.12
C HIS I 11 1.96 21.89 28.78
N ARG I 12 0.71 21.65 29.15
CA ARG I 12 -0.40 22.61 29.06
C ARG I 12 -0.59 23.05 27.61
N ALA I 13 -0.71 22.07 26.72
CA ALA I 13 -1.15 22.29 25.33
C ALA I 13 -2.65 22.40 25.31
N THR I 14 -3.17 23.05 24.29
CA THR I 14 -4.60 23.26 24.16
C THR I 14 -5.10 22.32 23.09
N VAL I 15 -6.12 21.52 23.41
CA VAL I 15 -6.75 20.67 22.39
C VAL I 15 -7.43 21.57 21.35
N THR I 16 -7.10 21.38 20.07
CA THR I 16 -7.56 22.24 18.95
C THR I 16 -8.77 21.63 18.26
N CYS I 17 -8.90 20.31 18.21
CA CYS I 17 -10.07 19.67 17.57
C CYS I 17 -10.29 18.29 18.18
N ALA I 18 -11.44 17.71 17.87
CA ALA I 18 -11.79 16.32 18.22
C ALA I 18 -12.65 15.74 17.10
N ASP I 19 -12.39 14.48 16.78
CA ASP I 19 -13.17 13.73 15.78
C ASP I 19 -13.44 12.36 16.40
N LEU I 20 -14.70 12.10 16.72
CA LEU I 20 -15.15 10.80 17.26
C LEU I 20 -14.94 9.75 16.16
N HIS I 21 -15.18 10.17 14.93
CA HIS I 21 -15.28 9.21 13.80
C HIS I 21 -14.06 9.30 12.89
N TYR I 22 -12.91 9.68 13.43
CA TYR I 22 -11.60 9.59 12.75
C TYR I 22 -11.43 8.20 12.13
N VAL I 23 -10.83 8.15 10.93
CA VAL I 23 -10.33 6.92 10.23
C VAL I 23 -8.85 7.16 9.88
N GLY I 24 -7.93 6.37 10.44
CA GLY I 24 -6.48 6.47 10.17
C GLY I 24 -5.62 5.74 11.19
N VAL J 2 -3.98 10.58 19.06
CA VAL J 2 -3.73 12.05 19.27
C VAL J 2 -2.80 12.57 18.19
N THR J 3 -3.26 13.56 17.45
CA THR J 3 -2.50 14.21 16.39
C THR J 3 -1.73 15.35 17.02
N ILE J 4 -0.42 15.34 16.88
CA ILE J 4 0.48 16.36 17.50
C ILE J 4 1.31 17.01 16.41
N ASP J 5 1.42 18.32 16.46
CA ASP J 5 2.24 19.14 15.57
C ASP J 5 3.65 18.54 15.58
N ALA J 6 4.19 18.26 14.42
CA ALA J 6 5.51 17.62 14.25
C ALA J 6 6.57 18.37 15.05
N ASP J 7 6.44 19.69 15.21
CA ASP J 7 7.43 20.51 15.95
C ASP J 7 7.45 20.08 17.41
N LEU J 8 6.27 19.84 17.98
CA LEU J 8 6.13 19.45 19.41
C LEU J 8 6.64 18.02 19.57
N MET J 9 6.39 17.17 18.58
CA MET J 9 6.87 15.76 18.61
C MET J 9 8.41 15.74 18.60
N ASP J 10 9.05 16.52 17.73
CA ASP J 10 10.53 16.65 17.68
C ASP J 10 11.00 17.21 19.01
N ALA J 11 10.39 18.30 19.47
CA ALA J 11 10.77 18.99 20.73
C ALA J 11 10.68 18.00 21.90
N ALA J 12 9.67 17.13 21.90
CA ALA J 12 9.37 16.21 23.03
C ALA J 12 10.02 14.84 22.80
N ASP J 13 10.61 14.62 21.62
CA ASP J 13 11.21 13.32 21.22
C ASP J 13 10.12 12.25 21.24
N LEU J 14 9.05 12.49 20.49
CA LEU J 14 7.95 11.52 20.27
C LEU J 14 7.99 11.04 18.83
N LEU J 15 7.80 9.74 18.64
CA LEU J 15 7.70 9.13 17.29
C LEU J 15 6.23 8.92 16.94
N GLU J 16 5.92 8.93 15.66
CA GLU J 16 4.61 8.46 15.18
C GLU J 16 4.41 7.03 15.69
N GLY J 17 3.31 6.79 16.39
CA GLY J 17 2.95 5.47 16.91
C GLY J 17 3.46 5.25 18.31
N GLU J 18 4.19 6.19 18.90
CA GLU J 18 4.69 6.03 20.28
C GLU J 18 3.53 6.19 21.26
N GLN J 19 3.49 5.33 22.27
CA GLN J 19 2.39 5.37 23.25
C GLN J 19 2.45 6.67 24.03
N VAL J 20 1.30 7.29 24.23
CA VAL J 20 1.22 8.61 24.89
C VAL J 20 0.06 8.56 25.88
N THR J 21 0.31 9.15 27.05
CA THR J 21 -0.71 9.33 28.07
C THR J 21 -1.21 10.76 27.96
N ILE J 22 -2.51 10.95 27.84
CA ILE J 22 -3.10 12.31 27.87
C ILE J 22 -3.80 12.50 29.21
N VAL J 23 -3.47 13.58 29.90
CA VAL J 23 -4.21 13.97 31.12
C VAL J 23 -4.84 15.33 30.89
N ASP J 24 -6.12 15.47 31.27
CA ASP J 24 -6.94 16.67 30.98
C ASP J 24 -7.01 17.54 32.24
N ILE J 25 -6.47 18.74 32.17
CA ILE J 25 -6.40 19.66 33.35
C ILE J 25 -7.81 20.17 33.65
N ASP J 26 -8.65 20.27 32.63
CA ASP J 26 -10.00 20.85 32.78
C ASP J 26 -10.94 19.86 33.47
N ASN J 27 -10.95 18.59 33.07
CA ASN J 27 -11.98 17.63 33.54
C ASN J 27 -11.35 16.45 34.29
N GLY J 28 -10.03 16.33 34.35
CA GLY J 28 -9.33 15.28 35.11
C GLY J 28 -9.31 13.93 34.41
N ALA J 29 -9.78 13.83 33.18
CA ALA J 29 -9.66 12.60 32.34
C ALA J 29 -8.19 12.22 32.19
N ARG J 30 -7.97 10.92 32.13
CA ARG J 30 -6.63 10.33 31.94
C ARG J 30 -6.76 9.14 31.02
N LEU J 31 -6.07 9.16 29.88
CA LEU J 31 -6.15 8.01 28.96
C LEU J 31 -4.82 7.74 28.31
N VAL J 32 -4.73 6.57 27.72
CA VAL J 32 -3.50 6.15 27.02
C VAL J 32 -3.84 6.08 25.54
N THR J 33 -3.03 6.70 24.73
CA THR J 33 -3.17 6.63 23.27
C THR J 33 -1.80 6.70 22.63
N TYR J 34 -1.80 6.79 21.31
CA TYR J 34 -0.54 6.90 20.57
C TYR J 34 -0.49 8.20 19.79
N ALA J 35 0.73 8.62 19.46
CA ALA J 35 0.98 9.89 18.75
C ALA J 35 0.83 9.69 17.25
N ILE J 36 0.10 10.58 16.60
CA ILE J 36 0.09 10.75 15.11
C ILE J 36 0.70 12.11 14.78
N THR J 37 1.57 12.15 13.77
CA THR J 37 2.29 13.38 13.35
C THR J 37 1.28 14.33 12.70
N GLY J 38 1.17 15.54 13.22
CA GLY J 38 0.29 16.60 12.69
C GLY J 38 1.07 17.62 11.89
N GLU J 39 0.38 18.38 11.04
CA GLU J 39 1.00 19.40 10.15
C GLU J 39 1.96 20.25 10.98
N ARG J 40 3.22 20.35 10.53
CA ARG J 40 4.31 21.03 11.28
C ARG J 40 3.98 22.52 11.44
N GLY J 41 4.16 23.06 12.64
CA GLY J 41 3.95 24.48 12.97
C GLY J 41 2.47 24.88 12.98
N SER J 42 1.53 23.95 12.82
CA SER J 42 0.07 24.26 12.85
C SER J 42 -0.43 24.42 14.29
N GLY J 43 0.32 23.95 15.28
CA GLY J 43 -0.10 23.93 16.68
C GLY J 43 -1.28 22.99 16.93
N VAL J 44 -1.49 22.02 16.04
CA VAL J 44 -2.58 21.03 16.15
C VAL J 44 -2.33 20.14 17.39
N ILE J 45 -3.36 19.99 18.20
CA ILE J 45 -3.45 18.90 19.21
C ILE J 45 -4.82 18.28 19.01
N GLY J 46 -4.87 17.21 18.21
CA GLY J 46 -6.15 16.63 17.73
C GLY J 46 -6.49 15.34 18.45
N ILE J 47 -7.64 15.30 19.11
CA ILE J 47 -8.14 14.07 19.77
C ILE J 47 -9.00 13.31 18.76
N ASN J 48 -8.61 12.09 18.45
CA ASN J 48 -9.29 11.27 17.40
C ASN J 48 -9.97 10.07 18.07
N GLY J 49 -11.19 9.75 17.61
CA GLY J 49 -11.89 8.52 18.00
C GLY J 49 -12.44 8.57 19.41
N ALA J 50 -12.40 7.43 20.11
CA ALA J 50 -13.09 7.21 21.41
C ALA J 50 -12.65 8.25 22.44
N ALA J 51 -11.40 8.71 22.36
CA ALA J 51 -10.83 9.67 23.32
C ALA J 51 -11.64 10.98 23.32
N ALA J 52 -12.31 11.32 22.23
CA ALA J 52 -13.08 12.58 22.09
C ALA J 52 -14.23 12.62 23.09
N HIS J 53 -14.64 11.48 23.62
CA HIS J 53 -15.66 11.44 24.71
C HIS J 53 -15.08 12.06 25.98
N LEU J 54 -13.78 12.00 26.18
CA LEU J 54 -13.16 12.34 27.49
C LEU J 54 -12.44 13.68 27.42
N VAL J 55 -11.84 13.98 26.28
CA VAL J 55 -10.95 15.16 26.10
C VAL J 55 -11.53 15.99 24.98
N HIS J 56 -11.82 17.24 25.28
CA HIS J 56 -12.65 18.12 24.43
C HIS J 56 -11.89 19.32 23.89
N PRO J 57 -12.29 19.84 22.73
CA PRO J 57 -11.64 21.03 22.20
C PRO J 57 -11.63 22.18 23.21
N GLY J 58 -10.49 22.85 23.30
CA GLY J 58 -10.28 23.96 24.25
C GLY J 58 -9.71 23.49 25.58
N ASP J 59 -9.78 22.19 25.89
CA ASP J 59 -9.21 21.64 27.15
C ASP J 59 -7.68 21.81 27.14
N LEU J 60 -7.14 22.15 28.30
CA LEU J 60 -5.68 22.13 28.55
C LEU J 60 -5.31 20.69 28.89
N VAL J 61 -4.32 20.15 28.19
CA VAL J 61 -3.87 18.75 28.41
C VAL J 61 -2.35 18.72 28.63
N ILE J 62 -1.91 17.66 29.29
CA ILE J 62 -0.48 17.28 29.36
C ILE J 62 -0.35 15.97 28.60
N LEU J 63 0.62 15.91 27.68
CA LEU J 63 0.94 14.68 26.93
C LEU J 63 2.24 14.10 27.47
N ILE J 64 2.23 12.81 27.81
CA ILE J 64 3.37 12.18 28.53
C ILE J 64 3.75 10.90 27.79
N ALA J 65 5.05 10.69 27.59
CA ALA J 65 5.58 9.38 27.18
C ALA J 65 6.62 8.94 28.20
N TYR J 66 6.68 7.63 28.41
CA TYR J 66 7.58 6.97 29.38
C TYR J 66 8.53 6.09 28.56
N ALA J 67 9.66 5.74 29.15
CA ALA J 67 10.60 4.74 28.60
C ALA J 67 11.05 3.83 29.70
N THR J 68 11.31 2.59 29.33
CA THR J 68 11.92 1.61 30.21
C THR J 68 13.41 1.67 29.94
N MET J 69 14.20 1.81 31.00
CA MET J 69 15.66 1.93 30.83
C MET J 69 16.36 1.36 32.06
N ASP J 70 17.58 0.87 31.85
CA ASP J 70 18.36 0.18 32.90
C ASP J 70 18.64 1.21 34.00
N ASP J 71 18.79 0.72 35.22
CA ASP J 71 19.00 1.57 36.41
C ASP J 71 20.04 2.67 36.11
N ALA J 72 21.18 2.31 35.54
CA ALA J 72 22.31 3.26 35.35
C ALA J 72 21.84 4.46 34.51
N ARG J 73 21.21 4.19 33.36
CA ARG J 73 20.76 5.25 32.40
C ARG J 73 19.63 6.05 33.05
N ALA J 74 18.76 5.41 33.83
CA ALA J 74 17.58 6.07 34.44
C ALA J 74 18.04 7.22 35.33
N ARG J 75 19.19 7.08 36.00
CA ARG J 75 19.69 8.06 37.00
C ARG J 75 20.27 9.29 36.29
N THR J 76 20.60 9.18 35.00
CA THR J 76 21.36 10.20 34.23
C THR J 76 20.47 10.78 33.12
N TYR J 77 19.46 10.05 32.68
CA TYR J 77 18.58 10.45 31.56
C TYR J 77 17.89 11.77 31.90
N GLN J 78 17.87 12.70 30.93
CA GLN J 78 17.15 14.00 31.02
C GLN J 78 15.94 13.94 30.11
N PRO J 79 14.71 14.01 30.67
CA PRO J 79 13.50 13.95 29.87
C PRO J 79 13.28 15.21 29.07
N ARG J 80 12.65 15.11 27.89
CA ARG J 80 12.41 16.29 27.04
C ARG J 80 11.05 16.86 27.42
N ILE J 81 11.03 18.02 28.04
CA ILE J 81 9.81 18.67 28.60
C ILE J 81 9.57 19.93 27.79
N VAL J 82 8.42 20.02 27.12
CA VAL J 82 8.10 21.13 26.19
C VAL J 82 6.98 21.96 26.80
N PHE J 83 7.28 23.21 27.13
CA PHE J 83 6.29 24.24 27.50
C PHE J 83 5.83 24.93 26.21
N VAL J 84 4.55 25.28 26.16
CA VAL J 84 3.91 25.84 24.94
C VAL J 84 3.06 27.05 25.32
N ASP J 85 2.90 27.97 24.38
CA ASP J 85 2.04 29.16 24.55
C ASP J 85 0.59 28.76 24.29
N ALA J 86 -0.34 29.70 24.36
CA ALA J 86 -1.78 29.46 24.10
C ALA J 86 -2.01 28.93 22.68
N TYR J 87 -1.04 29.05 21.77
CA TYR J 87 -1.15 28.64 20.34
C TYR J 87 -0.36 27.35 20.10
N ASN J 88 0.08 26.67 21.15
CA ASN J 88 0.76 25.35 21.08
C ASN J 88 2.12 25.50 20.36
N LYS J 89 2.82 26.61 20.55
CA LYS J 89 4.18 26.82 20.02
C LYS J 89 5.15 26.69 21.18
N PRO J 90 6.28 25.97 20.99
CA PRO J 90 7.26 25.77 22.06
C PRO J 90 7.85 27.08 22.63
N ILE J 91 8.28 27.04 23.89
CA ILE J 91 9.02 28.15 24.58
C ILE J 91 10.33 27.60 25.16
N MET K 1 -4.11 1.47 -42.18
CA MET K 1 -5.41 1.90 -41.58
C MET K 1 -5.57 1.27 -40.20
N LEU K 2 -5.70 2.10 -39.16
CA LEU K 2 -6.10 1.64 -37.81
C LEU K 2 -7.58 1.93 -37.58
N ARG K 3 -8.36 0.93 -37.17
CA ARG K 3 -9.82 1.02 -37.12
C ARG K 3 -10.20 1.00 -35.66
N THR K 4 -11.35 1.56 -35.31
CA THR K 4 -11.91 1.39 -33.96
C THR K 4 -12.87 0.24 -34.06
N MET K 5 -12.64 -0.80 -33.29
CA MET K 5 -13.45 -2.04 -33.42
C MET K 5 -14.09 -2.39 -32.09
N LEU K 6 -15.28 -2.97 -32.13
CA LEU K 6 -15.88 -3.64 -30.96
C LEU K 6 -14.93 -4.72 -30.46
N LYS K 7 -14.61 -4.73 -29.18
CA LYS K 7 -13.84 -5.83 -28.55
C LYS K 7 -14.67 -6.52 -27.48
N SER K 8 -15.48 -5.78 -26.72
CA SER K 8 -16.28 -6.31 -25.59
C SER K 8 -17.72 -5.80 -25.71
N LYS K 9 -18.66 -6.65 -25.35
CA LYS K 9 -20.09 -6.27 -25.21
C LYS K 9 -20.70 -7.13 -24.12
N ILE K 10 -21.29 -6.50 -23.11
CA ILE K 10 -22.20 -7.17 -22.14
C ILE K 10 -23.60 -6.75 -22.50
N HIS K 11 -24.37 -7.72 -22.95
CA HIS K 11 -25.70 -7.52 -23.55
C HIS K 11 -26.83 -7.70 -22.55
N ARG K 12 -27.60 -6.61 -22.39
CA ARG K 12 -28.84 -6.57 -21.60
C ARG K 12 -28.57 -6.99 -20.16
N ALA K 13 -27.59 -6.32 -19.55
CA ALA K 13 -27.36 -6.42 -18.10
C ALA K 13 -28.34 -5.52 -17.40
N THR K 14 -28.64 -5.87 -16.16
CA THR K 14 -29.56 -5.07 -15.34
C THR K 14 -28.73 -4.29 -14.35
N VAL K 15 -28.92 -2.98 -14.31
CA VAL K 15 -28.24 -2.13 -13.32
C VAL K 15 -28.76 -2.51 -11.93
N THR K 16 -27.86 -2.87 -11.02
CA THR K 16 -28.20 -3.36 -9.66
C THR K 16 -28.19 -2.22 -8.63
N CYS K 17 -27.35 -1.20 -8.79
CA CYS K 17 -27.33 -0.07 -7.84
C CYS K 17 -26.80 1.17 -8.54
N ALA K 18 -26.93 2.31 -7.87
CA ALA K 18 -26.38 3.61 -8.30
C ALA K 18 -26.01 4.43 -7.08
N ASP K 19 -24.90 5.14 -7.16
CA ASP K 19 -24.41 6.00 -6.06
C ASP K 19 -23.93 7.29 -6.70
N LEU K 20 -24.64 8.37 -6.45
CA LEU K 20 -24.27 9.71 -6.95
C LEU K 20 -22.98 10.12 -6.26
N HIS K 21 -22.85 9.75 -5.01
CA HIS K 21 -21.76 10.26 -4.16
C HIS K 21 -20.69 9.18 -3.91
N TYR K 22 -20.48 8.26 -4.85
CA TYR K 22 -19.35 7.30 -4.88
C TYR K 22 -18.03 8.02 -4.54
N VAL K 23 -17.16 7.32 -3.78
CA VAL K 23 -15.74 7.69 -3.52
C VAL K 23 -14.86 6.48 -3.88
N GLY K 24 -13.96 6.61 -4.87
CA GLY K 24 -13.05 5.53 -5.32
C GLY K 24 -12.42 5.80 -6.68
N VAL L 2 -18.26 2.64 -13.57
CA VAL L 2 -19.21 1.46 -13.60
C VAL L 2 -18.54 0.25 -12.97
N THR L 3 -19.16 -0.29 -11.93
CA THR L 3 -18.67 -1.46 -11.21
C THR L 3 -19.25 -2.69 -11.88
N ILE L 4 -18.38 -3.58 -12.34
CA ILE L 4 -18.80 -4.80 -13.07
C ILE L 4 -18.28 -6.03 -12.36
N ASP L 5 -19.12 -7.03 -12.23
CA ASP L 5 -18.79 -8.34 -11.66
C ASP L 5 -17.55 -8.85 -12.39
N ALA L 6 -16.53 -9.22 -11.63
CA ALA L 6 -15.24 -9.69 -12.18
C ALA L 6 -15.47 -10.80 -13.22
N ASP L 7 -16.51 -11.61 -13.05
CA ASP L 7 -16.82 -12.72 -13.98
C ASP L 7 -17.19 -12.15 -15.35
N LEU L 8 -17.97 -11.06 -15.36
CA LEU L 8 -18.43 -10.42 -16.62
C LEU L 8 -17.24 -9.71 -17.26
N MET L 9 -16.36 -9.14 -16.45
CA MET L 9 -15.13 -8.46 -16.96
C MET L 9 -14.23 -9.48 -17.64
N ASP L 10 -13.99 -10.64 -17.02
CA ASP L 10 -13.19 -11.74 -17.62
C ASP L 10 -13.91 -12.21 -18.89
N ALA L 11 -15.22 -12.48 -18.80
CA ALA L 11 -16.03 -12.97 -19.93
C ALA L 11 -15.95 -11.98 -21.10
N ALA L 12 -15.95 -10.69 -20.81
CA ALA L 12 -16.01 -9.61 -21.83
C ALA L 12 -14.59 -9.10 -22.16
N ASP L 13 -13.56 -9.60 -21.47
CA ASP L 13 -12.14 -9.19 -21.67
C ASP L 13 -12.02 -7.69 -21.37
N LEU L 14 -12.45 -7.26 -20.20
CA LEU L 14 -12.34 -5.87 -19.72
C LEU L 14 -11.35 -5.82 -18.57
N LEU L 15 -10.51 -4.80 -18.56
CA LEU L 15 -9.57 -4.52 -17.45
C LEU L 15 -10.17 -3.46 -16.55
N GLU L 16 -9.78 -3.46 -15.29
CA GLU L 16 -10.04 -2.32 -14.38
C GLU L 16 -9.43 -1.08 -15.03
N GLY L 17 -10.23 -0.04 -15.19
CA GLY L 17 -9.80 1.25 -15.77
C GLY L 17 -9.99 1.30 -17.26
N GLU L 18 -10.48 0.23 -17.88
CA GLU L 18 -10.69 0.24 -19.35
C GLU L 18 -11.91 1.08 -19.68
N GLN L 19 -11.82 1.90 -20.72
CA GLN L 19 -12.93 2.77 -21.13
C GLN L 19 -14.12 1.93 -21.57
N VAL L 20 -15.29 2.30 -21.11
CA VAL L 20 -16.53 1.52 -21.39
C VAL L 20 -17.64 2.52 -21.75
N THR L 21 -18.39 2.18 -22.78
CA THR L 21 -19.60 2.93 -23.16
C THR L 21 -20.79 2.22 -22.54
N ILE L 22 -21.64 2.94 -21.84
CA ILE L 22 -22.94 2.37 -21.35
C ILE L 22 -24.07 2.96 -22.17
N VAL L 23 -24.92 2.11 -22.70
CA VAL L 23 -26.14 2.56 -23.40
C VAL L 23 -27.36 1.97 -22.68
N ASP L 24 -28.38 2.78 -22.45
CA ASP L 24 -29.54 2.44 -21.60
C ASP L 24 -30.71 2.13 -22.52
N ILE L 25 -31.20 0.89 -22.48
CA ILE L 25 -32.30 0.44 -23.38
C ILE L 25 -33.60 1.08 -22.95
N ASP L 26 -33.71 1.39 -21.68
CA ASP L 26 -34.94 1.91 -21.09
C ASP L 26 -35.14 3.38 -21.44
N ASN L 27 -34.11 4.20 -21.30
CA ASN L 27 -34.27 5.66 -21.41
C ASN L 27 -33.42 6.24 -22.55
N GLY L 28 -32.59 5.43 -23.23
CA GLY L 28 -31.82 5.89 -24.39
C GLY L 28 -30.58 6.69 -24.03
N ALA L 29 -30.23 6.82 -22.75
CA ALA L 29 -28.97 7.43 -22.30
C ALA L 29 -27.77 6.68 -22.88
N ARG L 30 -26.73 7.42 -23.18
CA ARG L 30 -25.48 6.88 -23.72
C ARG L 30 -24.37 7.66 -23.07
N LEU L 31 -23.43 7.00 -22.42
CA LEU L 31 -22.31 7.72 -21.78
C LEU L 31 -21.05 6.89 -21.83
N VAL L 32 -19.95 7.57 -21.59
CA VAL L 32 -18.62 6.92 -21.63
C VAL L 32 -18.06 6.96 -20.22
N THR L 33 -17.66 5.81 -19.74
CA THR L 33 -17.04 5.70 -18.41
C THR L 33 -15.99 4.60 -18.43
N TYR L 34 -15.44 4.30 -17.25
CA TYR L 34 -14.45 3.23 -17.15
C TYR L 34 -14.93 2.12 -16.24
N ALA L 35 -14.34 0.93 -16.37
CA ALA L 35 -14.73 -0.27 -15.62
C ALA L 35 -14.01 -0.29 -14.27
N ILE L 36 -14.76 -0.57 -13.20
CA ILE L 36 -14.23 -0.94 -11.86
C ILE L 36 -14.63 -2.39 -11.59
N THR L 37 -13.68 -3.20 -11.08
CA THR L 37 -13.90 -4.63 -10.79
C THR L 37 -14.85 -4.76 -9.61
N GLY L 38 -15.96 -5.46 -9.78
CA GLY L 38 -16.95 -5.74 -8.72
C GLY L 38 -16.80 -7.15 -8.17
N GLU L 39 -17.33 -7.39 -6.97
CA GLU L 39 -17.26 -8.70 -6.27
C GLU L 39 -17.63 -9.81 -7.26
N ARG L 40 -16.75 -10.80 -7.43
CA ARG L 40 -16.92 -11.89 -8.42
C ARG L 40 -18.19 -12.69 -8.12
N GLY L 41 -18.98 -12.98 -9.16
CA GLY L 41 -20.21 -13.78 -9.08
C GLY L 41 -21.36 -13.08 -8.38
N SER L 42 -21.22 -11.80 -7.98
CA SER L 42 -22.28 -11.02 -7.31
C SER L 42 -23.34 -10.54 -8.32
N GLY L 43 -23.01 -10.52 -9.61
CA GLY L 43 -23.90 -9.99 -10.66
C GLY L 43 -24.05 -8.48 -10.56
N VAL L 44 -23.10 -7.81 -9.89
CA VAL L 44 -23.16 -6.34 -9.71
C VAL L 44 -22.96 -5.65 -11.06
N ILE L 45 -23.83 -4.70 -11.35
CA ILE L 45 -23.62 -3.66 -12.40
C ILE L 45 -23.93 -2.34 -11.72
N GLY L 46 -22.90 -1.68 -11.20
CA GLY L 46 -23.04 -0.50 -10.32
C GLY L 46 -22.71 0.79 -11.03
N ILE L 47 -23.66 1.71 -11.12
CA ILE L 47 -23.43 3.03 -11.74
C ILE L 47 -23.01 4.01 -10.64
N ASN L 48 -21.82 4.56 -10.76
CA ASN L 48 -21.18 5.38 -9.70
C ASN L 48 -21.00 6.81 -10.21
N GLY L 49 -21.26 7.79 -9.33
CA GLY L 49 -21.06 9.21 -9.61
C GLY L 49 -22.10 9.75 -10.59
N ALA L 50 -21.67 10.69 -11.44
CA ALA L 50 -22.51 11.53 -12.31
C ALA L 50 -23.43 10.65 -13.17
N ALA L 51 -22.95 9.47 -13.57
CA ALA L 51 -23.70 8.57 -14.47
C ALA L 51 -25.04 8.17 -13.85
N ALA L 52 -25.17 8.16 -12.53
CA ALA L 52 -26.39 7.75 -11.81
C ALA L 52 -27.56 8.67 -12.16
N HIS L 53 -27.29 9.88 -12.67
CA HIS L 53 -28.35 10.78 -13.15
C HIS L 53 -29.02 10.17 -14.39
N LEU L 54 -28.29 9.39 -15.17
CA LEU L 54 -28.75 8.99 -16.53
C LEU L 54 -29.17 7.53 -16.53
N VAL L 55 -28.51 6.69 -15.75
CA VAL L 55 -28.71 5.21 -15.78
C VAL L 55 -29.13 4.80 -14.39
N HIS L 56 -30.26 4.14 -14.32
CA HIS L 56 -30.93 3.84 -13.04
C HIS L 56 -31.01 2.36 -12.74
N PRO L 57 -31.02 1.98 -11.45
CA PRO L 57 -31.27 0.59 -11.10
C PRO L 57 -32.53 0.04 -11.78
N GLY L 58 -32.42 -1.18 -12.29
CA GLY L 58 -33.54 -1.86 -12.97
C GLY L 58 -33.50 -1.65 -14.48
N ASP L 59 -32.76 -0.63 -14.95
CA ASP L 59 -32.60 -0.37 -16.40
C ASP L 59 -31.83 -1.53 -17.03
N LEU L 60 -32.24 -1.91 -18.24
CA LEU L 60 -31.44 -2.79 -19.12
C LEU L 60 -30.38 -1.94 -19.80
N VAL L 61 -29.12 -2.36 -19.70
CA VAL L 61 -27.99 -1.62 -20.32
C VAL L 61 -27.17 -2.58 -21.17
N ILE L 62 -26.46 -1.98 -22.13
CA ILE L 62 -25.40 -2.66 -22.90
C ILE L 62 -24.10 -1.96 -22.53
N LEU L 63 -23.07 -2.73 -22.16
CA LEU L 63 -21.72 -2.19 -21.90
C LEU L 63 -20.81 -2.58 -23.06
N ILE L 64 -20.09 -1.60 -23.60
CA ILE L 64 -19.33 -1.78 -24.87
C ILE L 64 -17.92 -1.24 -24.63
N ALA L 65 -16.91 -2.00 -25.06
CA ALA L 65 -15.53 -1.50 -25.16
C ALA L 65 -15.05 -1.63 -26.60
N TYR L 66 -14.25 -0.63 -26.99
CA TYR L 66 -13.67 -0.55 -28.34
C TYR L 66 -12.16 -0.67 -28.18
N ALA L 67 -11.51 -1.06 -29.28
CA ALA L 67 -10.04 -1.07 -29.43
C ALA L 67 -9.71 -0.48 -30.78
N THR L 68 -8.51 0.06 -30.86
CA THR L 68 -7.84 0.39 -32.11
C THR L 68 -7.03 -0.85 -32.47
N MET L 69 -7.20 -1.32 -33.70
CA MET L 69 -6.44 -2.48 -34.19
C MET L 69 -6.24 -2.35 -35.69
N ASP L 70 -5.14 -2.92 -36.18
CA ASP L 70 -4.74 -2.75 -37.60
C ASP L 70 -5.77 -3.49 -38.42
N ASP L 71 -5.96 -3.04 -39.65
CA ASP L 71 -6.95 -3.62 -40.58
C ASP L 71 -6.92 -5.13 -40.51
N ALA L 72 -5.75 -5.76 -40.64
CA ALA L 72 -5.64 -7.22 -40.76
C ALA L 72 -6.31 -7.89 -39.55
N ARG L 73 -5.91 -7.47 -38.33
CA ARG L 73 -6.40 -8.03 -37.05
C ARG L 73 -7.90 -7.72 -36.90
N ALA L 74 -8.35 -6.54 -37.32
CA ALA L 74 -9.77 -6.11 -37.17
C ALA L 74 -10.71 -7.12 -37.85
N ARG L 75 -10.28 -7.69 -38.99
CA ARG L 75 -11.14 -8.56 -39.83
C ARG L 75 -11.24 -9.95 -39.20
N THR L 76 -10.33 -10.31 -38.30
CA THR L 76 -10.14 -11.70 -37.79
C THR L 76 -10.44 -11.75 -36.31
N TYR L 77 -10.37 -10.60 -35.63
CA TYR L 77 -10.65 -10.48 -34.19
C TYR L 77 -12.09 -10.88 -33.95
N GLN L 78 -12.30 -11.68 -32.89
CA GLN L 78 -13.64 -12.10 -32.44
C GLN L 78 -13.93 -11.34 -31.15
N PRO L 79 -14.94 -10.45 -31.13
CA PRO L 79 -15.25 -9.68 -29.94
C PRO L 79 -15.86 -10.56 -28.89
N ARG L 80 -15.64 -10.26 -27.61
CA ARG L 80 -16.17 -11.11 -26.51
C ARG L 80 -17.52 -10.51 -26.16
N ILE L 81 -18.59 -11.22 -26.47
CA ILE L 81 -19.99 -10.77 -26.35
C ILE L 81 -20.61 -11.66 -25.29
N VAL L 82 -21.09 -11.07 -24.19
CA VAL L 82 -21.57 -11.84 -23.01
C VAL L 82 -23.07 -11.57 -22.91
N PHE L 83 -23.88 -12.62 -23.11
CA PHE L 83 -25.32 -12.61 -22.81
C PHE L 83 -25.49 -13.05 -21.36
N VAL L 84 -26.47 -12.44 -20.67
CA VAL L 84 -26.65 -12.61 -19.21
C VAL L 84 -28.12 -12.85 -18.91
N ASP L 85 -28.40 -13.57 -17.83
CA ASP L 85 -29.78 -13.82 -17.35
C ASP L 85 -30.24 -12.58 -16.56
N ALA L 86 -31.45 -12.62 -16.00
CA ALA L 86 -31.99 -11.52 -15.17
C ALA L 86 -31.13 -11.26 -13.93
N TYR L 87 -30.21 -12.15 -13.56
CA TYR L 87 -29.34 -12.02 -12.37
C TYR L 87 -27.90 -11.66 -12.79
N ASN L 88 -27.70 -11.28 -14.06
CA ASN L 88 -26.38 -10.82 -14.57
C ASN L 88 -25.35 -11.97 -14.51
N LYS L 89 -25.79 -13.20 -14.76
CA LYS L 89 -24.87 -14.37 -14.86
C LYS L 89 -24.75 -14.74 -16.32
N PRO L 90 -23.51 -15.01 -16.80
CA PRO L 90 -23.28 -15.37 -18.21
C PRO L 90 -24.07 -16.60 -18.69
N ILE L 91 -24.37 -16.63 -20.00
CA ILE L 91 -24.99 -17.79 -20.71
C ILE L 91 -24.11 -18.10 -21.93
#